data_8BMS
#
_entry.id   8BMS
#
_cell.length_a   1.00
_cell.length_b   1.00
_cell.length_c   1.00
_cell.angle_alpha   90.00
_cell.angle_beta   90.00
_cell.angle_gamma   90.00
#
_symmetry.space_group_name_H-M   'P 1'
#
loop_
_entity.id
_entity.type
_entity.pdbx_description
1 polymer 'Energy-coupling factor transporter ATP-binding protein EcfA1'
2 polymer 'Energy-coupling factor transporter ATP-binding protein EcfA2'
3 polymer 'Energy-coupling factor transporter transmembrane protein EcfT'
4 non-polymer "ADENOSINE-5'-TRIPHOSPHATE"
5 non-polymer 'MAGNESIUM ION'
6 water water
#
loop_
_entity_poly.entity_id
_entity_poly.type
_entity_poly.pdbx_seq_one_letter_code
_entity_poly.pdbx_strand_id
1 'polypeptide(L)'
;GSDNIISFDHVTFTYPDSPRPALSDLSFAIERGSWTALIGHNGSGKSTVSKLINGLLAPDDLDKSSITVDGVKLGADTVW
EVREKVGIVFQNPDNQFVGATVSDDVAFGLENRAVPRPEMLKIVAQAVADVGMADYADSEPSNLSGGQKQRVAIAGILAV
KPQVIILDQSTSMLDPEGKEQILDLVRKIKEDNNLTVISITHDLEEAAGADQVLVLDDGQLLDQGKPEEIFPKVEMLKRI
GLDIPFVYRLKQLLKERGIVLPDEIDDDEKLVQSLWQLNSKM
;
A
2 'polypeptide(L)'
;MAIKFENVSYVYSPGSPLEAIGLDQLNFSLEEGKFIALVGHTGSGKSTLMQHFNALLKPTSGKIEIAGYTITPETGNKGL
KDLRRKVSLAFQFSEAQLFENTVLKDVEYGPRNFGFSEDEAREAALKWLKKVGLKDDLIEHSPFDLSGGQMRRVALAGVL
AYEPEIICLDQPAAGLDPMGRLEMMQLFKDYQAAGHTVILVTHNMDDVADYADDVLALEHGRLIKHASPKEVFKDSEWLQ
KHHLAEPRSARFAAKLEAAGLKLPGQPLTMPELADAIKQSLKGGEHE
;
B
3 'polypeptide(L)'
;MSKIIIGRYLPGTTFVYRVDPRAKLLTTFYFIIMIFLANNWVSYLVISIFGLAYVFATGLKARVFWDGVKPMIWMIVFTS
LLQTFFMAGGKVYWHWWIFTLSSEGLINGLYVFIRFAMIILVSTVMTVTTKPLEIADAMEWMLTPLKLFKVNVGMISLVI
SIALRFVPTLFDQTVKIMNAQRSRGADFNDGGLVKRAKSVVPMLVPLFIDSLEVALDLSTAMESRGYKGSEGRTRYRILE
WSKVDLIPVAYCLLLTILMITTRKH
;
C
#
loop_
_chem_comp.id
_chem_comp.type
_chem_comp.name
_chem_comp.formula
ATP non-polymer ADENOSINE-5'-TRIPHOSPHATE 'C10 H16 N5 O13 P3'
MG non-polymer 'MAGNESIUM ION' 'Mg 2'
#
# COMPACT_ATOMS: atom_id res chain seq x y z
N SER A 2 -2.11 -27.46 21.53
CA SER A 2 -1.21 -26.53 20.87
C SER A 2 -1.30 -26.68 19.35
N ASP A 3 -1.87 -25.67 18.70
CA ASP A 3 -2.03 -25.74 17.24
C ASP A 3 -0.71 -25.51 16.52
N ASN A 4 0.09 -24.55 16.99
CA ASN A 4 1.39 -24.26 16.40
C ASN A 4 2.49 -24.56 17.41
N ILE A 5 3.58 -25.13 16.93
CA ILE A 5 4.73 -25.46 17.77
C ILE A 5 6.01 -25.07 17.03
N ILE A 6 6.62 -23.97 17.46
CA ILE A 6 7.96 -23.59 17.03
C ILE A 6 8.93 -24.00 18.12
N SER A 7 10.03 -24.66 17.73
CA SER A 7 10.97 -25.24 18.69
C SER A 7 12.38 -25.06 18.18
N PHE A 8 13.18 -24.28 18.91
CA PHE A 8 14.60 -24.07 18.65
C PHE A 8 14.82 -23.54 17.23
N ASP A 9 14.29 -22.35 16.98
CA ASP A 9 14.22 -21.77 15.64
C ASP A 9 15.25 -20.67 15.50
N HIS A 10 16.13 -20.81 14.51
CA HIS A 10 17.11 -19.79 14.14
C HIS A 10 16.84 -19.34 12.71
N VAL A 11 16.84 -18.03 12.48
CA VAL A 11 16.72 -17.48 11.13
C VAL A 11 17.66 -16.28 11.00
N THR A 12 18.60 -16.37 10.07
CA THR A 12 19.37 -15.24 9.59
C THR A 12 18.88 -14.91 8.19
N PHE A 13 18.58 -13.64 7.95
CA PHE A 13 17.96 -13.23 6.69
C PHE A 13 18.94 -13.43 5.53
N THR A 14 18.45 -13.09 4.33
CA THR A 14 19.17 -13.31 3.07
C THR A 14 19.39 -14.80 2.84
N ASP A 17 24.56 -11.15 2.93
CA ASP A 17 24.24 -11.89 4.14
C ASP A 17 24.11 -10.96 5.34
N SER A 18 23.42 -11.44 6.37
CA SER A 18 23.25 -10.62 7.57
C SER A 18 24.19 -11.09 8.67
N PRO A 19 24.74 -10.17 9.47
CA PRO A 19 25.68 -10.58 10.51
C PRO A 19 25.01 -11.23 11.71
N ARG A 20 23.76 -10.91 11.98
CA ARG A 20 23.07 -11.41 13.17
C ARG A 20 21.77 -12.10 12.77
N PRO A 21 21.31 -13.06 13.57
CA PRO A 21 20.05 -13.73 13.25
C PRO A 21 18.86 -12.88 13.65
N ALA A 22 17.84 -12.87 12.79
CA ALA A 22 16.59 -12.20 13.12
C ALA A 22 15.91 -12.89 14.30
N LEU A 23 15.95 -14.22 14.34
CA LEU A 23 15.44 -15.02 15.44
C LEU A 23 16.53 -15.96 15.92
N SER A 24 16.61 -16.16 17.23
CA SER A 24 17.67 -16.95 17.85
C SER A 24 17.08 -17.90 18.86
N ASP A 25 17.07 -19.20 18.54
CA ASP A 25 16.64 -20.25 19.46
C ASP A 25 15.23 -20.00 19.99
N LEU A 26 14.34 -19.59 19.09
CA LEU A 26 12.98 -19.23 19.48
C LEU A 26 12.12 -20.47 19.60
N SER A 27 11.39 -20.58 20.71
CA SER A 27 10.49 -21.70 20.95
C SER A 27 9.25 -21.20 21.68
N PHE A 28 8.07 -21.51 21.13
CA PHE A 28 6.81 -21.19 21.78
C PHE A 28 5.73 -22.10 21.21
N ALA A 29 4.57 -22.06 21.84
CA ALA A 29 3.40 -22.82 21.42
C ALA A 29 2.18 -21.92 21.39
N ILE A 30 1.28 -22.21 20.45
CA ILE A 30 0.04 -21.46 20.29
C ILE A 30 -1.11 -22.42 20.59
N GLU A 31 -1.91 -22.09 21.60
CA GLU A 31 -3.04 -22.94 21.96
C GLU A 31 -4.09 -22.92 20.86
N ARG A 32 -4.70 -24.08 20.63
CA ARG A 32 -5.71 -24.20 19.58
C ARG A 32 -6.98 -23.45 19.95
N GLY A 33 -7.51 -22.70 19.00
CA GLY A 33 -8.75 -21.96 19.22
C GLY A 33 -8.62 -20.84 20.23
N SER A 34 -7.52 -20.10 20.21
CA SER A 34 -7.28 -19.01 21.14
C SER A 34 -6.94 -17.74 20.39
N TRP A 35 -6.82 -16.65 21.14
CA TRP A 35 -6.35 -15.37 20.62
C TRP A 35 -5.00 -15.08 21.26
N THR A 36 -3.95 -15.09 20.45
CA THR A 36 -2.60 -14.82 20.92
C THR A 36 -2.12 -13.52 20.29
N ALA A 37 -1.63 -12.61 21.12
CA ALA A 37 -1.10 -11.33 20.67
C ALA A 37 0.42 -11.39 20.73
N LEU A 38 1.05 -11.28 19.57
CA LEU A 38 2.51 -11.26 19.46
C LEU A 38 2.96 -9.81 19.45
N ILE A 39 3.64 -9.40 20.52
CA ILE A 39 4.03 -8.00 20.69
C ILE A 39 5.54 -7.93 20.89
N GLY A 40 6.09 -6.76 20.60
CA GLY A 40 7.52 -6.55 20.73
C GLY A 40 7.90 -5.27 20.02
N HIS A 41 9.13 -4.82 20.29
CA HIS A 41 9.61 -3.60 19.70
C HIS A 41 9.82 -3.78 18.20
N ASN A 42 10.10 -2.66 17.53
CA ASN A 42 10.45 -2.72 16.10
C ASN A 42 11.80 -3.39 15.92
N GLY A 43 11.84 -4.40 15.06
CA GLY A 43 13.06 -5.14 14.80
C GLY A 43 13.13 -6.51 15.45
N SER A 44 12.25 -6.80 16.40
CA SER A 44 12.10 -8.17 16.88
C SER A 44 11.31 -8.96 15.85
N GLY A 45 11.74 -10.19 15.60
CA GLY A 45 11.24 -10.89 14.43
C GLY A 45 9.80 -11.36 14.50
N LYS A 46 8.86 -10.42 14.51
CA LYS A 46 7.44 -10.79 14.52
C LYS A 46 6.96 -11.15 13.13
N SER A 47 7.25 -10.29 12.14
CA SER A 47 6.95 -10.65 10.75
C SER A 47 7.78 -11.84 10.30
N THR A 48 9.00 -11.98 10.83
CA THR A 48 9.79 -13.16 10.54
C THR A 48 9.11 -14.42 11.05
N VAL A 49 8.57 -14.38 12.26
CA VAL A 49 7.82 -15.52 12.78
C VAL A 49 6.61 -15.80 11.91
N SER A 50 5.89 -14.76 11.51
CA SER A 50 4.71 -14.96 10.68
C SER A 50 5.07 -15.63 9.35
N LYS A 51 6.12 -15.15 8.70
CA LYS A 51 6.53 -15.72 7.42
C LYS A 51 7.15 -17.11 7.59
N LEU A 52 7.66 -17.44 8.78
CA LEU A 52 8.14 -18.79 9.03
C LEU A 52 6.99 -19.76 9.20
N ILE A 53 5.93 -19.34 9.90
CA ILE A 53 4.78 -20.21 10.11
C ILE A 53 4.15 -20.57 8.77
N ASN A 54 4.05 -19.59 7.86
CA ASN A 54 3.50 -19.85 6.53
C ASN A 54 4.36 -20.85 5.77
N GLY A 55 5.68 -20.71 5.85
CA GLY A 55 6.59 -21.43 4.99
C GLY A 55 7.26 -20.57 3.95
N LEU A 56 7.07 -19.25 3.99
CA LEU A 56 7.74 -18.36 3.05
C LEU A 56 9.22 -18.23 3.39
N LEU A 57 9.59 -18.45 4.64
CA LEU A 57 10.98 -18.46 5.08
C LEU A 57 11.29 -19.80 5.71
N ALA A 58 12.56 -20.19 5.65
CA ALA A 58 12.98 -21.44 6.22
C ALA A 58 14.02 -21.21 7.31
N PRO A 59 14.01 -22.00 8.38
CA PRO A 59 15.01 -21.82 9.44
C PRO A 59 16.41 -22.11 8.94
N ASP A 60 17.39 -21.54 9.64
CA ASP A 60 18.78 -21.70 9.25
C ASP A 60 19.19 -23.17 9.27
N ASP A 61 18.79 -23.89 10.32
CA ASP A 61 19.14 -25.30 10.49
C ASP A 61 17.86 -26.11 10.51
N LEU A 62 17.74 -27.07 9.60
CA LEU A 62 16.47 -27.77 9.41
C LEU A 62 16.30 -29.01 10.28
N ASP A 63 17.39 -29.69 10.65
CA ASP A 63 17.26 -30.92 11.41
C ASP A 63 17.36 -30.71 12.92
N LYS A 64 17.45 -29.47 13.37
CA LYS A 64 17.35 -29.16 14.79
C LYS A 64 16.22 -28.21 15.12
N SER A 65 15.77 -27.38 14.17
CA SER A 65 14.60 -26.55 14.36
C SER A 65 13.35 -27.30 13.92
N SER A 66 12.25 -27.05 14.63
CA SER A 66 10.98 -27.68 14.30
C SER A 66 9.89 -26.64 14.23
N ILE A 67 9.04 -26.75 13.21
CA ILE A 67 7.83 -25.95 13.09
C ILE A 67 6.71 -26.90 12.70
N THR A 68 5.81 -27.16 13.64
CA THR A 68 4.69 -28.07 13.42
C THR A 68 3.39 -27.27 13.49
N VAL A 69 2.64 -27.27 12.39
CA VAL A 69 1.39 -26.53 12.31
C VAL A 69 0.25 -27.54 12.25
N ASP A 70 -0.50 -27.65 13.34
CA ASP A 70 -1.63 -28.57 13.45
C ASP A 70 -1.24 -30.01 13.14
N GLY A 71 -0.10 -30.44 13.65
CA GLY A 71 0.29 -31.83 13.58
C GLY A 71 1.22 -32.20 12.45
N VAL A 72 1.33 -31.37 11.41
CA VAL A 72 2.21 -31.65 10.28
C VAL A 72 3.46 -30.80 10.44
N LYS A 73 4.62 -31.43 10.31
CA LYS A 73 5.90 -30.73 10.44
C LYS A 73 6.15 -29.94 9.17
N LEU A 74 6.26 -28.62 9.31
CA LEU A 74 6.44 -27.76 8.15
C LEU A 74 7.79 -28.04 7.50
N GLY A 75 7.78 -28.18 6.17
CA GLY A 75 8.98 -28.48 5.45
C GLY A 75 8.78 -28.26 3.97
N ALA A 76 9.74 -28.76 3.18
CA ALA A 76 9.65 -28.62 1.73
C ALA A 76 8.48 -29.41 1.17
N ASP A 77 8.23 -30.61 1.69
CA ASP A 77 7.20 -31.49 1.16
C ASP A 77 5.83 -31.30 1.80
N THR A 78 5.72 -30.44 2.82
CA THR A 78 4.44 -30.21 3.49
C THR A 78 4.09 -28.73 3.56
N VAL A 79 4.67 -27.91 2.69
CA VAL A 79 4.40 -26.48 2.73
C VAL A 79 2.98 -26.19 2.26
N TRP A 80 2.52 -26.89 1.22
CA TRP A 80 1.17 -26.65 0.70
C TRP A 80 0.10 -27.23 1.60
N GLU A 81 0.42 -28.29 2.35
CA GLU A 81 -0.49 -28.78 3.37
C GLU A 81 -0.62 -27.81 4.54
N VAL A 82 0.34 -26.90 4.70
CA VAL A 82 0.30 -25.92 5.78
C VAL A 82 -0.35 -24.63 5.32
N ARG A 83 -0.07 -24.19 4.10
CA ARG A 83 -0.65 -22.94 3.60
C ARG A 83 -2.17 -22.99 3.52
N GLU A 84 -2.76 -24.19 3.41
CA GLU A 84 -4.20 -24.32 3.49
C GLU A 84 -4.73 -24.18 4.90
N LYS A 85 -3.85 -24.26 5.90
CA LYS A 85 -4.22 -24.08 7.30
C LYS A 85 -3.94 -22.67 7.81
N VAL A 86 -2.98 -21.97 7.22
CA VAL A 86 -2.54 -20.67 7.71
C VAL A 86 -2.85 -19.63 6.65
N GLY A 87 -3.62 -18.61 7.03
CA GLY A 87 -3.82 -17.43 6.21
C GLY A 87 -3.23 -16.21 6.89
N ILE A 88 -2.41 -15.46 6.19
CA ILE A 88 -1.65 -14.36 6.77
C ILE A 88 -1.97 -13.06 6.04
N VAL A 89 -2.39 -12.05 6.80
CA VAL A 89 -2.49 -10.69 6.30
C VAL A 89 -1.15 -10.01 6.57
N PHE A 90 -0.49 -9.59 5.50
CA PHE A 90 0.85 -9.03 5.57
C PHE A 90 0.83 -7.65 6.21
N GLN A 91 2.02 -7.20 6.64
CA GLN A 91 2.14 -5.87 7.23
C GLN A 91 1.89 -4.79 6.19
N ASN A 92 2.38 -4.98 4.97
CA ASN A 92 2.10 -4.07 3.87
C ASN A 92 0.97 -4.61 3.04
N PRO A 93 -0.17 -3.92 2.96
CA PRO A 93 -1.29 -4.44 2.17
C PRO A 93 -0.98 -4.60 0.69
N ASP A 94 -0.04 -3.82 0.16
CA ASP A 94 0.30 -3.93 -1.25
C ASP A 94 0.87 -5.30 -1.60
N ASN A 95 1.48 -5.98 -0.63
CA ASN A 95 2.06 -7.30 -0.85
C ASN A 95 1.04 -8.43 -0.77
N GLN A 96 -0.23 -8.12 -0.52
CA GLN A 96 -1.27 -9.13 -0.44
C GLN A 96 -2.10 -9.24 -1.71
N PHE A 97 -2.14 -8.21 -2.55
CA PHE A 97 -3.10 -8.13 -3.63
C PHE A 97 -2.61 -8.92 -4.85
N VAL A 98 -3.53 -9.70 -5.43
CA VAL A 98 -3.25 -10.47 -6.64
C VAL A 98 -4.25 -10.13 -7.75
N GLY A 99 -5.53 -10.11 -7.43
CA GLY A 99 -6.57 -9.90 -8.42
C GLY A 99 -6.61 -8.47 -8.94
N ALA A 100 -7.37 -8.31 -10.02
CA ALA A 100 -7.48 -7.01 -10.70
C ALA A 100 -8.56 -6.12 -10.11
N THR A 101 -9.46 -6.66 -9.31
CA THR A 101 -10.45 -5.86 -8.59
C THR A 101 -10.49 -6.36 -7.14
N VAL A 102 -11.31 -5.69 -6.33
CA VAL A 102 -11.45 -6.10 -4.94
C VAL A 102 -12.11 -7.47 -4.85
N SER A 103 -13.17 -7.69 -5.63
CA SER A 103 -13.84 -8.99 -5.63
C SER A 103 -12.92 -10.09 -6.14
N ASP A 104 -12.16 -9.81 -7.21
CA ASP A 104 -11.22 -10.79 -7.73
C ASP A 104 -10.15 -11.14 -6.69
N ASP A 105 -9.63 -10.13 -6.00
CA ASP A 105 -8.62 -10.39 -4.98
C ASP A 105 -9.18 -11.21 -3.84
N VAL A 106 -10.40 -10.90 -3.40
CA VAL A 106 -11.02 -11.68 -2.33
C VAL A 106 -11.29 -13.11 -2.79
N ALA A 107 -11.64 -13.30 -4.06
CA ALA A 107 -11.99 -14.61 -4.58
C ALA A 107 -10.78 -15.44 -5.00
N PHE A 108 -9.59 -14.85 -5.06
CA PHE A 108 -8.40 -15.61 -5.44
C PHE A 108 -8.18 -16.80 -4.52
N GLY A 109 -8.22 -16.57 -3.20
CA GLY A 109 -8.00 -17.64 -2.25
C GLY A 109 -9.09 -18.69 -2.24
N LEU A 110 -10.31 -18.31 -2.64
CA LEU A 110 -11.38 -19.29 -2.81
C LEU A 110 -11.21 -20.09 -4.09
N GLU A 111 -10.69 -19.47 -5.13
CA GLU A 111 -10.35 -20.19 -6.36
C GLU A 111 -9.28 -21.24 -6.08
N ASN A 112 -8.26 -20.88 -5.29
CA ASN A 112 -7.21 -21.83 -4.97
C ASN A 112 -7.70 -23.02 -4.17
N ARG A 113 -8.83 -22.89 -3.47
CA ARG A 113 -9.39 -23.97 -2.66
C ARG A 113 -10.49 -24.74 -3.38
N ALA A 114 -10.68 -24.50 -4.68
CA ALA A 114 -11.68 -25.20 -5.48
C ALA A 114 -13.08 -25.04 -4.90
N VAL A 115 -13.39 -23.86 -4.39
CA VAL A 115 -14.74 -23.56 -3.93
C VAL A 115 -15.63 -23.32 -5.15
N PRO A 116 -16.80 -23.94 -5.23
CA PRO A 116 -17.67 -23.73 -6.40
C PRO A 116 -18.07 -22.27 -6.54
N ARG A 117 -18.17 -21.84 -7.79
CA ARG A 117 -18.47 -20.42 -8.08
C ARG A 117 -19.79 -19.93 -7.48
N PRO A 118 -20.89 -20.68 -7.51
CA PRO A 118 -22.11 -20.18 -6.85
C PRO A 118 -21.90 -19.86 -5.37
N GLU A 119 -21.10 -20.65 -4.67
CA GLU A 119 -20.78 -20.32 -3.29
C GLU A 119 -19.75 -19.19 -3.20
N MET A 120 -18.83 -19.12 -4.15
CA MET A 120 -17.84 -18.04 -4.15
C MET A 120 -18.49 -16.68 -4.28
N LEU A 121 -19.52 -16.56 -5.12
CA LEU A 121 -20.19 -15.27 -5.27
C LEU A 121 -20.70 -14.76 -3.93
N LYS A 122 -21.44 -15.61 -3.21
CA LYS A 122 -21.97 -15.22 -1.91
C LYS A 122 -20.86 -14.95 -0.91
N ILE A 123 -19.83 -15.79 -0.89
CA ILE A 123 -18.76 -15.61 0.10
C ILE A 123 -18.01 -14.32 -0.14
N VAL A 124 -17.69 -14.01 -1.40
CA VAL A 124 -16.96 -12.79 -1.72
C VAL A 124 -17.82 -11.56 -1.43
N ALA A 125 -19.10 -11.61 -1.80
CA ALA A 125 -19.97 -10.48 -1.50
C ALA A 125 -20.07 -10.24 0.00
N GLN A 126 -20.25 -11.31 0.78
CA GLN A 126 -20.35 -11.18 2.23
C GLN A 126 -19.05 -10.67 2.84
N ALA A 127 -17.91 -11.16 2.35
CA ALA A 127 -16.62 -10.71 2.87
C ALA A 127 -16.37 -9.24 2.56
N VAL A 128 -16.69 -8.82 1.34
CA VAL A 128 -16.50 -7.43 0.96
C VAL A 128 -17.42 -6.52 1.76
N ALA A 129 -18.66 -6.93 1.97
CA ALA A 129 -19.57 -6.12 2.79
C ALA A 129 -19.17 -6.13 4.26
N ASP A 130 -18.56 -7.21 4.73
CA ASP A 130 -18.23 -7.34 6.15
C ASP A 130 -17.16 -6.33 6.57
N VAL A 131 -16.19 -6.07 5.70
CA VAL A 131 -15.12 -5.13 6.02
C VAL A 131 -15.54 -3.73 5.59
N GLY A 132 -16.79 -3.57 5.21
CA GLY A 132 -17.32 -2.28 4.81
C GLY A 132 -16.72 -1.70 3.55
N MET A 133 -16.55 -2.52 2.51
CA MET A 133 -16.01 -2.08 1.24
C MET A 133 -16.92 -2.46 0.07
N ALA A 134 -18.23 -2.56 0.34
CA ALA A 134 -19.16 -3.01 -0.70
C ALA A 134 -19.27 -2.03 -1.86
N ASP A 135 -18.92 -0.76 -1.65
CA ASP A 135 -18.97 0.24 -2.69
C ASP A 135 -17.68 0.29 -3.51
N TYR A 136 -16.71 -0.57 -3.21
CA TYR A 136 -15.43 -0.59 -3.92
C TYR A 136 -15.13 -1.97 -4.51
N ALA A 137 -16.14 -2.82 -4.67
CA ALA A 137 -15.92 -4.20 -5.08
C ALA A 137 -15.31 -4.30 -6.47
N ASP A 138 -15.52 -3.31 -7.33
CA ASP A 138 -15.01 -3.32 -8.69
C ASP A 138 -13.78 -2.43 -8.86
N SER A 139 -13.18 -1.98 -7.77
CA SER A 139 -12.06 -1.05 -7.82
C SER A 139 -10.73 -1.79 -7.86
N GLU A 140 -9.76 -1.20 -8.56
CA GLU A 140 -8.39 -1.67 -8.51
C GLU A 140 -7.86 -1.53 -7.09
N PRO A 141 -7.40 -2.60 -6.45
CA PRO A 141 -6.95 -2.48 -5.06
C PRO A 141 -5.77 -1.54 -4.87
N SER A 142 -4.99 -1.27 -5.92
CA SER A 142 -3.92 -0.28 -5.82
C SER A 142 -4.44 1.15 -5.80
N ASN A 143 -5.63 1.39 -6.34
CA ASN A 143 -6.25 2.71 -6.32
C ASN A 143 -7.14 2.88 -5.09
N LEU A 144 -6.59 2.59 -3.92
CA LEU A 144 -7.32 2.64 -2.66
C LEU A 144 -6.46 3.36 -1.62
N SER A 145 -7.12 3.84 -0.58
CA SER A 145 -6.40 4.40 0.56
C SER A 145 -5.79 3.28 1.39
N GLY A 146 -4.94 3.67 2.34
CA GLY A 146 -4.26 2.67 3.17
C GLY A 146 -5.22 1.83 3.99
N GLY A 147 -6.20 2.48 4.62
CA GLY A 147 -7.18 1.73 5.39
C GLY A 147 -8.06 0.84 4.52
N GLN A 148 -8.42 1.33 3.33
CA GLN A 148 -9.20 0.52 2.40
C GLN A 148 -8.40 -0.69 1.94
N LYS A 149 -7.11 -0.50 1.67
CA LYS A 149 -6.25 -1.61 1.30
C LYS A 149 -6.12 -2.62 2.44
N GLN A 150 -6.03 -2.13 3.68
CA GLN A 150 -6.02 -3.02 4.82
C GLN A 150 -7.32 -3.81 4.92
N ARG A 151 -8.45 -3.16 4.69
CA ARG A 151 -9.74 -3.84 4.72
C ARG A 151 -9.81 -4.93 3.66
N VAL A 152 -9.33 -4.64 2.45
CA VAL A 152 -9.33 -5.64 1.39
C VAL A 152 -8.42 -6.81 1.74
N ALA A 153 -7.25 -6.51 2.31
CA ALA A 153 -6.33 -7.58 2.71
C ALA A 153 -6.93 -8.47 3.78
N ILE A 154 -7.62 -7.87 4.76
CA ILE A 154 -8.28 -8.67 5.79
C ILE A 154 -9.41 -9.50 5.19
N ALA A 155 -10.19 -8.91 4.28
CA ALA A 155 -11.32 -9.62 3.68
C ALA A 155 -10.85 -10.81 2.85
N GLY A 156 -9.75 -10.66 2.13
CA GLY A 156 -9.24 -11.76 1.32
C GLY A 156 -8.86 -12.97 2.14
N ILE A 157 -8.48 -12.77 3.40
CA ILE A 157 -8.08 -13.88 4.27
C ILE A 157 -9.25 -14.41 5.08
N LEU A 158 -10.15 -13.54 5.52
CA LEU A 158 -11.30 -13.99 6.29
C LEU A 158 -12.33 -14.71 5.42
N ALA A 159 -12.24 -14.58 4.10
CA ALA A 159 -13.17 -15.27 3.22
C ALA A 159 -12.92 -16.78 3.22
N VAL A 160 -11.65 -17.19 3.25
CA VAL A 160 -11.33 -18.61 3.23
C VAL A 160 -11.42 -19.24 4.61
N LYS A 161 -11.45 -18.43 5.67
CA LYS A 161 -11.56 -18.91 7.04
C LYS A 161 -10.53 -20.00 7.37
N PRO A 162 -9.25 -19.66 7.36
CA PRO A 162 -8.24 -20.68 7.67
C PRO A 162 -8.20 -20.99 9.16
N GLN A 163 -7.65 -22.15 9.48
CA GLN A 163 -7.58 -22.58 10.87
C GLN A 163 -6.71 -21.65 11.70
N VAL A 164 -5.71 -21.02 11.08
CA VAL A 164 -4.84 -20.06 11.76
C VAL A 164 -4.86 -18.77 10.95
N ILE A 165 -5.42 -17.72 11.51
CA ILE A 165 -5.38 -16.39 10.92
C ILE A 165 -4.27 -15.61 11.61
N ILE A 166 -3.27 -15.19 10.85
CA ILE A 166 -2.21 -14.32 11.34
C ILE A 166 -2.46 -12.93 10.78
N LEU A 167 -2.49 -11.94 11.66
CA LEU A 167 -2.76 -10.56 11.29
C LEU A 167 -1.53 -9.74 11.65
N ASP A 168 -0.76 -9.31 10.63
CA ASP A 168 0.48 -8.58 10.88
C ASP A 168 0.18 -7.08 10.91
N GLN A 169 -0.29 -6.64 12.08
CA GLN A 169 -0.65 -5.24 12.30
C GLN A 169 -1.69 -4.77 11.27
N SER A 170 -2.80 -5.52 11.21
CA SER A 170 -3.82 -5.31 10.19
C SER A 170 -4.79 -4.18 10.51
N THR A 171 -4.70 -3.60 11.71
CA THR A 171 -5.55 -2.49 12.10
C THR A 171 -4.77 -1.18 12.29
N SER A 172 -3.56 -1.10 11.73
CA SER A 172 -2.71 0.04 11.98
C SER A 172 -3.22 1.31 11.29
N MET A 173 -3.78 1.17 10.09
CA MET A 173 -4.21 2.31 9.30
C MET A 173 -5.74 2.40 9.20
N LEU A 174 -6.44 1.84 10.18
CA LEU A 174 -7.89 1.88 10.21
C LEU A 174 -8.37 2.91 11.23
N ASP A 175 -9.43 3.62 10.87
CA ASP A 175 -10.07 4.53 11.80
C ASP A 175 -10.68 3.74 12.96
N PRO A 176 -10.87 4.39 14.12
CA PRO A 176 -11.32 3.63 15.31
C PRO A 176 -12.62 2.88 15.10
N GLU A 177 -13.57 3.46 14.36
CA GLU A 177 -14.79 2.73 14.02
C GLU A 177 -14.46 1.49 13.19
N GLY A 178 -13.59 1.64 12.19
CA GLY A 178 -13.19 0.49 11.39
C GLY A 178 -12.38 -0.51 12.18
N LYS A 179 -11.50 -0.03 13.07
CA LYS A 179 -10.77 -0.92 13.95
C LYS A 179 -11.72 -1.80 14.76
N GLU A 180 -12.68 -1.17 15.44
CA GLU A 180 -13.63 -1.91 16.25
C GLU A 180 -14.46 -2.87 15.39
N GLN A 181 -14.91 -2.41 14.23
CA GLN A 181 -15.74 -3.24 13.36
C GLN A 181 -15.00 -4.48 12.89
N ILE A 182 -13.76 -4.31 12.44
CA ILE A 182 -13.01 -5.45 11.90
C ILE A 182 -12.54 -6.37 13.02
N LEU A 183 -12.18 -5.81 14.18
CA LEU A 183 -11.84 -6.67 15.30
C LEU A 183 -13.04 -7.52 15.74
N ASP A 184 -14.23 -6.91 15.77
CA ASP A 184 -15.44 -7.67 16.10
C ASP A 184 -15.72 -8.73 15.04
N LEU A 185 -15.49 -8.39 13.76
CA LEU A 185 -15.69 -9.37 12.70
C LEU A 185 -14.75 -10.56 12.84
N VAL A 186 -13.48 -10.29 13.12
CA VAL A 186 -12.51 -11.37 13.30
C VAL A 186 -12.88 -12.23 14.50
N ARG A 187 -13.28 -11.59 15.60
CA ARG A 187 -13.68 -12.34 16.79
C ARG A 187 -14.89 -13.22 16.51
N LYS A 188 -15.89 -12.68 15.79
CA LYS A 188 -17.09 -13.45 15.48
C LYS A 188 -16.78 -14.62 14.56
N ILE A 189 -15.95 -14.40 13.54
CA ILE A 189 -15.58 -15.50 12.64
C ILE A 189 -14.80 -16.57 13.39
N LYS A 190 -13.88 -16.15 14.25
CA LYS A 190 -13.10 -17.09 15.05
C LYS A 190 -14.00 -17.93 15.94
N GLU A 191 -14.96 -17.29 16.64
CA GLU A 191 -15.84 -18.02 17.52
C GLU A 191 -16.76 -18.96 16.75
N ASP A 192 -17.28 -18.51 15.60
CA ASP A 192 -18.20 -19.33 14.83
C ASP A 192 -17.50 -20.55 14.24
N ASN A 193 -16.30 -20.36 13.69
CA ASN A 193 -15.62 -21.43 12.97
C ASN A 193 -14.59 -22.17 13.80
N ASN A 194 -14.45 -21.84 15.09
CA ASN A 194 -13.47 -22.46 15.98
C ASN A 194 -12.06 -22.35 15.41
N LEU A 195 -11.63 -21.11 15.23
CA LEU A 195 -10.34 -20.80 14.62
C LEU A 195 -9.36 -20.30 15.67
N THR A 196 -8.11 -20.15 15.25
CA THR A 196 -7.05 -19.58 16.06
C THR A 196 -6.56 -18.30 15.40
N VAL A 197 -6.30 -17.28 16.20
CA VAL A 197 -5.87 -15.98 15.70
C VAL A 197 -4.58 -15.59 16.39
N ILE A 198 -3.55 -15.30 15.61
CA ILE A 198 -2.32 -14.69 16.09
C ILE A 198 -2.28 -13.26 15.56
N SER A 199 -2.36 -12.29 16.45
CA SER A 199 -2.44 -10.88 16.09
C SER A 199 -1.13 -10.21 16.47
N ILE A 200 -0.25 -10.02 15.48
CA ILE A 200 0.97 -9.24 15.66
C ILE A 200 0.55 -7.77 15.67
N THR A 201 0.67 -7.12 16.82
CA THR A 201 0.13 -5.78 16.99
C THR A 201 1.06 -4.93 17.83
N HIS A 202 0.97 -3.61 17.63
CA HIS A 202 1.59 -2.63 18.50
C HIS A 202 0.57 -1.92 19.37
N ASP A 203 -0.71 -2.25 19.25
CA ASP A 203 -1.75 -1.68 20.07
C ASP A 203 -1.94 -2.55 21.31
N LEU A 204 -1.66 -1.98 22.49
CA LEU A 204 -1.71 -2.75 23.72
C LEU A 204 -3.14 -2.92 24.23
N GLU A 205 -4.08 -2.10 23.78
CA GLU A 205 -5.48 -2.33 24.13
C GLU A 205 -6.00 -3.62 23.51
N GLU A 206 -5.61 -3.89 22.27
CA GLU A 206 -5.96 -5.17 21.64
C GLU A 206 -5.24 -6.33 22.30
N ALA A 207 -3.98 -6.13 22.68
CA ALA A 207 -3.21 -7.19 23.32
C ALA A 207 -3.77 -7.53 24.69
N ALA A 208 -4.31 -6.54 25.41
CA ALA A 208 -4.86 -6.80 26.73
C ALA A 208 -6.10 -7.67 26.68
N GLY A 209 -6.83 -7.68 25.56
CA GLY A 209 -7.99 -8.51 25.38
C GLY A 209 -7.72 -9.88 24.79
N ALA A 210 -6.46 -10.25 24.62
CA ALA A 210 -6.11 -11.53 24.03
C ALA A 210 -6.15 -12.64 25.08
N ASP A 211 -6.20 -13.88 24.59
CA ASP A 211 -6.11 -15.02 25.50
C ASP A 211 -4.69 -15.21 26.01
N GLN A 212 -3.70 -15.08 25.14
CA GLN A 212 -2.30 -15.17 25.52
C GLN A 212 -1.53 -14.01 24.89
N VAL A 213 -0.42 -13.65 25.52
CA VAL A 213 0.47 -12.61 25.01
C VAL A 213 1.87 -13.19 24.91
N LEU A 214 2.44 -13.17 23.71
CA LEU A 214 3.84 -13.49 23.50
C LEU A 214 4.61 -12.19 23.39
N VAL A 215 5.70 -12.08 24.15
CA VAL A 215 6.54 -10.89 24.18
C VAL A 215 7.88 -11.23 23.55
N LEU A 216 8.27 -10.48 22.54
CA LEU A 216 9.44 -10.78 21.73
C LEU A 216 10.44 -9.65 21.85
N ASP A 217 11.71 -10.00 22.07
CA ASP A 217 12.77 -9.01 22.28
C ASP A 217 14.03 -9.53 21.60
N ASP A 218 14.51 -8.78 20.61
CA ASP A 218 15.73 -9.15 19.87
C ASP A 218 15.62 -10.55 19.29
N GLY A 219 14.43 -10.92 18.84
CA GLY A 219 14.22 -12.23 18.28
C GLY A 219 14.21 -13.36 19.28
N GLN A 220 13.92 -13.07 20.55
CA GLN A 220 13.87 -14.08 21.58
C GLN A 220 12.58 -13.91 22.39
N LEU A 221 12.02 -15.02 22.85
CA LEU A 221 10.80 -14.98 23.65
C LEU A 221 11.15 -14.50 25.05
N LEU A 222 10.95 -13.21 25.30
CA LEU A 222 11.32 -12.65 26.60
C LEU A 222 10.32 -13.03 27.67
N ASP A 223 9.04 -13.06 27.34
CA ASP A 223 8.00 -13.43 28.29
C ASP A 223 6.80 -13.95 27.53
N GLN A 224 5.94 -14.69 28.23
CA GLN A 224 4.81 -15.35 27.60
C GLN A 224 3.79 -15.71 28.68
N GLY A 225 2.57 -15.24 28.52
CA GLY A 225 1.53 -15.49 29.50
C GLY A 225 0.28 -14.69 29.20
N LYS A 226 -0.66 -14.76 30.13
CA LYS A 226 -1.92 -14.05 29.99
C LYS A 226 -1.71 -12.55 30.17
N PRO A 227 -2.61 -11.72 29.63
CA PRO A 227 -2.43 -10.26 29.73
C PRO A 227 -2.34 -9.75 31.16
N GLU A 228 -3.04 -10.37 32.11
CA GLU A 228 -2.94 -9.91 33.49
C GLU A 228 -1.72 -10.44 34.21
N GLU A 229 -0.90 -11.26 33.55
CA GLU A 229 0.38 -11.67 34.09
C GLU A 229 1.56 -10.98 33.41
N ILE A 230 1.32 -10.33 32.27
CA ILE A 230 2.39 -9.70 31.51
C ILE A 230 2.44 -8.21 31.81
N PHE A 231 1.32 -7.53 31.64
CA PHE A 231 1.23 -6.08 31.74
C PHE A 231 1.48 -5.52 33.14
N PRO A 232 1.22 -6.26 34.23
CA PRO A 232 1.71 -5.80 35.53
C PRO A 232 3.22 -5.62 35.61
N LYS A 233 3.98 -6.29 34.74
CA LYS A 233 5.44 -6.14 34.69
C LYS A 233 5.76 -4.87 33.89
N VAL A 234 5.65 -3.73 34.56
CA VAL A 234 5.83 -2.45 33.88
C VAL A 234 7.29 -2.23 33.51
N GLU A 235 8.21 -2.58 34.42
CA GLU A 235 9.63 -2.33 34.15
C GLU A 235 10.12 -3.15 32.96
N MET A 236 9.73 -4.42 32.89
CA MET A 236 10.15 -5.27 31.78
C MET A 236 9.64 -4.73 30.45
N LEU A 237 8.38 -4.29 30.41
CA LEU A 237 7.82 -3.80 29.16
C LEU A 237 8.44 -2.46 28.74
N LYS A 238 8.65 -1.56 29.70
CA LYS A 238 9.25 -0.27 29.37
C LYS A 238 10.71 -0.41 28.96
N ARG A 239 11.41 -1.41 29.52
CA ARG A 239 12.82 -1.58 29.20
C ARG A 239 13.03 -2.05 27.76
N ILE A 240 12.04 -2.75 27.18
CA ILE A 240 12.20 -3.36 25.87
C ILE A 240 11.47 -2.58 24.78
N GLY A 241 10.96 -1.39 25.09
CA GLY A 241 10.31 -0.57 24.10
C GLY A 241 8.81 -0.72 24.03
N LEU A 242 8.19 -1.41 24.98
CA LEU A 242 6.75 -1.56 25.04
C LEU A 242 6.19 -0.64 26.12
N ASP A 243 4.90 -0.78 26.40
CA ASP A 243 4.22 0.05 27.39
C ASP A 243 3.12 -0.80 28.03
N ILE A 244 2.17 -0.16 28.70
CA ILE A 244 1.06 -0.84 29.33
C ILE A 244 -0.24 -0.22 28.86
N PRO A 245 -1.35 -0.96 28.82
CA PRO A 245 -2.60 -0.41 28.30
C PRO A 245 -3.17 0.72 29.15
N PHE A 246 -4.33 1.23 28.72
CA PHE A 246 -4.88 2.45 29.30
C PHE A 246 -5.18 2.30 30.79
N VAL A 247 -5.76 1.16 31.18
CA VAL A 247 -6.23 1.01 32.56
C VAL A 247 -5.06 0.99 33.53
N TYR A 248 -3.96 0.32 33.17
CA TYR A 248 -2.81 0.26 34.07
C TYR A 248 -2.14 1.62 34.21
N ARG A 249 -2.05 2.38 33.12
CA ARG A 249 -1.53 3.74 33.20
C ARG A 249 -2.42 4.61 34.08
N LEU A 250 -3.73 4.52 33.91
CA LEU A 250 -4.64 5.29 34.75
C LEU A 250 -4.48 4.91 36.21
N LYS A 251 -4.32 3.63 36.49
CA LYS A 251 -4.10 3.19 37.87
C LYS A 251 -2.81 3.77 38.43
N GLN A 252 -1.74 3.81 37.63
CA GLN A 252 -0.48 4.33 38.16
C GLN A 252 -0.54 5.84 38.39
N LEU A 253 -1.21 6.59 37.51
CA LEU A 253 -1.41 8.01 37.77
C LEU A 253 -2.28 8.24 39.01
N LEU A 254 -3.32 7.43 39.20
CA LEU A 254 -4.14 7.58 40.39
C LEU A 254 -3.35 7.25 41.65
N LYS A 255 -2.47 6.24 41.58
CA LYS A 255 -1.62 5.91 42.71
C LYS A 255 -0.66 7.05 43.03
N GLU A 256 -0.05 7.64 42.00
CA GLU A 256 0.84 8.77 42.23
C GLU A 256 0.10 10.05 42.59
N ARG A 257 -1.23 10.06 42.44
CA ARG A 257 -2.05 11.19 42.87
C ARG A 257 -2.71 10.97 44.23
N GLY A 258 -2.41 9.86 44.91
CA GLY A 258 -2.90 9.62 46.25
C GLY A 258 -4.02 8.60 46.36
N ILE A 259 -4.62 8.20 45.25
CA ILE A 259 -5.71 7.22 45.27
C ILE A 259 -5.12 5.83 45.07
N VAL A 260 -5.30 4.97 46.07
CA VAL A 260 -4.77 3.61 46.04
C VAL A 260 -5.87 2.65 45.59
N LEU A 261 -5.52 1.77 44.65
CA LEU A 261 -6.46 0.82 44.09
C LEU A 261 -5.89 -0.59 44.14
N PRO A 262 -6.74 -1.60 44.28
CA PRO A 262 -6.24 -2.98 44.28
C PRO A 262 -5.63 -3.36 42.94
N ASP A 263 -4.63 -4.25 43.00
CA ASP A 263 -3.95 -4.70 41.81
C ASP A 263 -4.80 -5.67 40.98
N GLU A 264 -5.87 -6.22 41.54
CA GLU A 264 -6.73 -7.14 40.82
C GLU A 264 -7.51 -6.46 39.70
N ILE A 265 -7.53 -5.14 39.65
CA ILE A 265 -8.23 -4.41 38.59
C ILE A 265 -7.42 -4.51 37.31
N ASP A 266 -8.07 -4.99 36.24
CA ASP A 266 -7.41 -5.12 34.95
C ASP A 266 -8.27 -4.66 33.78
N ASP A 267 -9.51 -4.22 34.02
CA ASP A 267 -10.42 -3.80 32.96
C ASP A 267 -11.02 -2.46 33.31
N ASP A 268 -11.60 -1.81 32.30
CA ASP A 268 -12.23 -0.51 32.51
C ASP A 268 -13.40 -0.61 33.48
N GLU A 269 -14.23 -1.65 33.35
CA GLU A 269 -15.39 -1.79 34.22
C GLU A 269 -14.97 -2.00 35.67
N LYS A 270 -13.93 -2.80 35.91
CA LYS A 270 -13.47 -3.02 37.28
C LYS A 270 -12.97 -1.71 37.89
N LEU A 271 -12.22 -0.92 37.11
CA LEU A 271 -11.75 0.37 37.60
C LEU A 271 -12.92 1.31 37.90
N VAL A 272 -13.92 1.32 37.02
CA VAL A 272 -15.08 2.18 37.22
C VAL A 272 -15.82 1.79 38.50
N GLN A 273 -16.03 0.49 38.71
CA GLN A 273 -16.72 0.04 39.91
C GLN A 273 -15.91 0.34 41.17
N SER A 274 -14.59 0.16 41.11
CA SER A 274 -13.75 0.48 42.26
C SER A 274 -13.80 1.96 42.59
N LEU A 275 -13.74 2.83 41.58
CA LEU A 275 -13.83 4.26 41.81
C LEU A 275 -15.20 4.65 42.36
N TRP A 276 -16.26 4.02 41.86
CA TRP A 276 -17.60 4.29 42.38
C TRP A 276 -17.72 3.89 43.85
N GLN A 277 -17.16 2.73 44.20
CA GLN A 277 -17.17 2.30 45.59
C GLN A 277 -16.36 3.24 46.47
N LEU A 278 -15.21 3.71 45.97
CA LEU A 278 -14.42 4.67 46.73
C LEU A 278 -15.17 5.97 46.95
N ASN A 279 -15.89 6.44 45.93
CA ASN A 279 -16.68 7.66 46.07
C ASN A 279 -17.86 7.45 47.02
N SER A 280 -18.41 6.23 47.06
CA SER A 280 -19.54 5.95 47.93
C SER A 280 -19.21 6.14 49.41
N LYS A 281 -17.94 6.05 49.78
CA LYS A 281 -17.54 6.25 51.18
C LYS A 281 -17.03 7.67 51.40
N ALA B 2 0.32 31.62 6.72
CA ALA B 2 -0.72 30.63 6.93
C ALA B 2 -0.88 29.75 5.69
N ILE B 3 -1.57 28.62 5.85
CA ILE B 3 -1.87 27.71 4.76
C ILE B 3 -3.35 27.86 4.44
N LYS B 4 -3.66 28.41 3.28
CA LYS B 4 -5.03 28.77 2.93
C LYS B 4 -5.49 27.93 1.74
N PHE B 5 -6.66 27.32 1.87
CA PHE B 5 -7.31 26.58 0.79
C PHE B 5 -8.64 27.28 0.50
N GLU B 6 -8.83 27.74 -0.73
CA GLU B 6 -10.13 28.28 -1.12
C GLU B 6 -10.72 27.42 -2.24
N ASN B 7 -11.87 26.82 -1.94
CA ASN B 7 -12.68 26.05 -2.89
C ASN B 7 -11.78 25.05 -3.61
N VAL B 8 -11.06 24.25 -2.84
CA VAL B 8 -10.13 23.29 -3.41
C VAL B 8 -10.85 21.96 -3.61
N SER B 9 -10.93 21.51 -4.85
CA SER B 9 -11.49 20.22 -5.20
C SER B 9 -10.47 19.43 -5.99
N TYR B 10 -10.39 18.13 -5.73
CA TYR B 10 -9.54 17.23 -6.50
C TYR B 10 -10.35 16.01 -6.91
N VAL B 11 -10.21 15.62 -8.16
CA VAL B 11 -10.92 14.48 -8.74
C VAL B 11 -9.91 13.49 -9.28
N TYR B 12 -10.02 12.24 -8.86
CA TYR B 12 -9.15 11.18 -9.36
C TYR B 12 -9.67 10.68 -10.70
N SER B 13 -8.85 10.78 -11.74
CA SER B 13 -9.22 10.39 -13.11
C SER B 13 -10.52 11.08 -13.50
N PRO B 14 -10.49 12.39 -13.74
CA PRO B 14 -11.77 13.11 -13.98
C PRO B 14 -12.53 12.62 -15.20
N GLY B 15 -11.83 12.23 -16.27
CA GLY B 15 -12.50 11.85 -17.49
C GLY B 15 -12.90 10.39 -17.57
N SER B 16 -12.32 9.56 -16.71
CA SER B 16 -12.60 8.14 -16.74
C SER B 16 -14.01 7.86 -16.21
N PRO B 17 -14.64 6.75 -16.64
CA PRO B 17 -15.92 6.36 -16.05
C PRO B 17 -15.84 6.04 -14.56
N LEU B 18 -14.64 5.73 -14.06
CA LEU B 18 -14.42 5.48 -12.64
C LEU B 18 -14.08 6.76 -11.88
N GLU B 19 -14.57 7.90 -12.35
CA GLU B 19 -14.27 9.19 -11.72
C GLU B 19 -14.68 9.19 -10.26
N ALA B 20 -13.76 9.64 -9.41
CA ALA B 20 -13.98 9.74 -7.97
C ALA B 20 -13.49 11.11 -7.49
N ILE B 21 -14.31 11.78 -6.70
CA ILE B 21 -13.98 13.10 -6.18
C ILE B 21 -13.20 12.91 -4.88
N GLY B 22 -11.88 13.08 -4.95
CA GLY B 22 -11.07 12.94 -3.75
C GLY B 22 -11.33 14.03 -2.73
N LEU B 23 -11.41 15.28 -3.19
CA LEU B 23 -11.72 16.42 -2.33
C LEU B 23 -12.76 17.29 -3.00
N ASP B 24 -13.62 17.90 -2.18
CA ASP B 24 -14.78 18.63 -2.70
C ASP B 24 -14.88 19.98 -1.99
N GLN B 25 -14.35 21.02 -2.64
CA GLN B 25 -14.55 22.41 -2.24
C GLN B 25 -14.08 22.66 -0.81
N LEU B 26 -12.77 22.49 -0.60
CA LEU B 26 -12.18 22.74 0.71
C LEU B 26 -11.90 24.23 0.90
N ASN B 27 -12.20 24.73 2.09
CA ASN B 27 -12.03 26.15 2.42
C ASN B 27 -11.58 26.22 3.88
N PHE B 28 -10.29 26.45 4.10
CA PHE B 28 -9.79 26.55 5.47
C PHE B 28 -8.51 27.35 5.50
N SER B 29 -8.09 27.72 6.70
CA SER B 29 -6.88 28.52 6.92
C SER B 29 -6.17 28.00 8.16
N LEU B 30 -5.05 27.31 7.96
CA LEU B 30 -4.24 26.80 9.06
C LEU B 30 -3.21 27.85 9.47
N GLU B 31 -3.11 28.08 10.78
CA GLU B 31 -2.21 29.10 11.31
C GLU B 31 -0.79 28.56 11.42
N GLU B 32 0.18 29.43 11.16
CA GLU B 32 1.58 29.03 11.23
C GLU B 32 2.02 28.83 12.68
N GLY B 33 2.88 27.84 12.89
CA GLY B 33 3.39 27.56 14.22
C GLY B 33 2.48 26.75 15.10
N LYS B 34 1.44 26.14 14.55
CA LYS B 34 0.47 25.37 15.32
C LYS B 34 0.65 23.88 15.07
N PHE B 35 -0.03 23.09 15.90
CA PHE B 35 -0.11 21.64 15.73
C PHE B 35 -1.51 21.32 15.24
N ILE B 36 -1.62 20.85 14.00
CA ILE B 36 -2.90 20.58 13.37
C ILE B 36 -3.04 19.07 13.19
N ALA B 37 -4.15 18.52 13.62
CA ALA B 37 -4.46 17.09 13.48
C ALA B 37 -5.52 16.92 12.42
N LEU B 38 -5.18 16.19 11.36
CA LEU B 38 -6.10 15.90 10.27
C LEU B 38 -6.76 14.55 10.54
N VAL B 39 -8.05 14.56 10.85
CA VAL B 39 -8.77 13.35 11.23
C VAL B 39 -9.90 13.11 10.24
N GLY B 40 -10.39 11.89 10.26
CA GLY B 40 -11.45 11.47 9.36
C GLY B 40 -11.42 9.97 9.16
N HIS B 41 -12.49 9.46 8.56
CA HIS B 41 -12.57 8.03 8.30
C HIS B 41 -11.62 7.64 7.17
N THR B 42 -11.47 6.33 6.97
CA THR B 42 -10.63 5.86 5.88
C THR B 42 -11.23 6.22 4.54
N GLY B 43 -10.39 6.73 3.64
CA GLY B 43 -10.87 7.17 2.35
C GLY B 43 -11.58 8.49 2.34
N SER B 44 -11.38 9.33 3.35
CA SER B 44 -12.04 10.63 3.43
C SER B 44 -11.29 11.74 2.73
N GLY B 45 -10.07 11.50 2.27
CA GLY B 45 -9.29 12.48 1.55
C GLY B 45 -8.15 13.12 2.31
N LYS B 46 -7.63 12.47 3.35
CA LYS B 46 -6.54 13.04 4.13
C LYS B 46 -5.20 12.98 3.39
N SER B 47 -4.92 11.85 2.75
CA SER B 47 -3.67 11.72 2.00
C SER B 47 -3.68 12.61 0.76
N THR B 48 -4.84 12.77 0.13
CA THR B 48 -4.94 13.71 -0.97
C THR B 48 -4.66 15.14 -0.51
N LEU B 49 -5.18 15.50 0.66
CA LEU B 49 -4.91 16.81 1.23
C LEU B 49 -3.41 17.00 1.50
N MET B 50 -2.77 15.99 2.07
CA MET B 50 -1.33 16.05 2.32
C MET B 50 -0.54 16.22 1.03
N GLN B 51 -0.90 15.46 -0.01
CA GLN B 51 -0.21 15.61 -1.28
C GLN B 51 -0.51 16.95 -1.95
N HIS B 52 -1.64 17.57 -1.60
CA HIS B 52 -1.92 18.92 -2.08
C HIS B 52 -1.12 19.98 -1.33
N PHE B 53 -0.72 19.70 -0.09
CA PHE B 53 0.04 20.68 0.67
C PHE B 53 1.37 21.02 0.00
N ASN B 54 2.07 20.01 -0.53
CA ASN B 54 3.38 20.22 -1.14
C ASN B 54 3.34 20.14 -2.67
N ALA B 55 2.16 20.32 -3.26
CA ALA B 55 1.99 20.42 -4.71
C ALA B 55 2.40 19.14 -5.43
N LEU B 56 2.33 17.99 -4.75
CA LEU B 56 2.47 16.73 -5.46
C LEU B 56 1.26 16.47 -6.34
N LEU B 57 0.09 16.95 -5.93
CA LEU B 57 -1.12 16.92 -6.73
C LEU B 57 -1.58 18.35 -6.96
N LYS B 58 -1.91 18.67 -8.18
CA LYS B 58 -2.47 20.01 -8.30
C LYS B 58 -3.99 19.95 -8.18
N PRO B 59 -4.61 20.96 -7.58
CA PRO B 59 -6.06 20.92 -7.40
C PRO B 59 -6.79 20.94 -8.73
N THR B 60 -7.90 20.20 -8.80
CA THR B 60 -8.76 20.29 -9.97
C THR B 60 -9.40 21.66 -10.06
N SER B 61 -9.72 22.27 -8.93
CA SER B 61 -10.26 23.63 -8.89
C SER B 61 -9.80 24.30 -7.61
N GLY B 62 -9.85 25.63 -7.60
CA GLY B 62 -9.53 26.40 -6.41
C GLY B 62 -8.08 26.76 -6.29
N LYS B 63 -7.77 27.43 -5.18
CA LYS B 63 -6.44 28.00 -4.97
C LYS B 63 -5.87 27.60 -3.62
N ILE B 64 -4.56 27.33 -3.60
CA ILE B 64 -3.82 27.02 -2.38
C ILE B 64 -2.74 28.07 -2.20
N GLU B 65 -2.67 28.67 -1.02
CA GLU B 65 -1.63 29.64 -0.69
C GLU B 65 -0.85 29.11 0.50
N ILE B 66 0.41 28.76 0.26
CA ILE B 66 1.24 28.14 1.30
C ILE B 66 2.69 28.50 1.07
N ALA B 67 3.35 29.00 2.12
CA ALA B 67 4.79 29.26 2.12
C ALA B 67 5.19 30.21 0.99
N GLY B 68 4.39 31.24 0.77
CA GLY B 68 4.68 32.18 -0.30
C GLY B 68 4.46 31.64 -1.69
N TYR B 69 3.72 30.54 -1.82
CA TYR B 69 3.44 29.90 -3.09
C TYR B 69 1.95 29.86 -3.34
N THR B 70 1.56 30.07 -4.60
CA THR B 70 0.17 29.98 -5.02
C THR B 70 0.05 28.83 -6.00
N ILE B 71 -0.61 27.75 -5.57
CA ILE B 71 -0.84 26.58 -6.39
C ILE B 71 -2.26 26.65 -6.93
N THR B 72 -2.38 26.54 -8.25
CA THR B 72 -3.64 26.61 -8.98
C THR B 72 -3.78 25.34 -9.81
N PRO B 73 -4.92 25.10 -10.47
CA PRO B 73 -5.01 23.92 -11.35
C PRO B 73 -4.02 23.93 -12.51
N GLU B 74 -3.45 25.09 -12.85
CA GLU B 74 -2.55 25.18 -13.99
C GLU B 74 -1.17 25.67 -13.55
N THR B 75 -0.62 25.09 -12.48
CA THR B 75 0.65 25.55 -11.93
C THR B 75 1.84 24.87 -12.62
N GLY B 76 1.90 23.55 -12.58
CA GLY B 76 3.01 22.82 -13.16
C GLY B 76 4.12 22.55 -12.17
N ASN B 77 5.01 21.64 -12.57
CA ASN B 77 6.09 21.17 -11.71
C ASN B 77 7.34 22.05 -11.75
N LYS B 78 7.34 23.11 -12.55
CA LYS B 78 8.53 23.95 -12.67
C LYS B 78 8.59 24.96 -11.54
N GLY B 79 9.79 25.14 -10.97
CA GLY B 79 9.99 26.13 -9.94
C GLY B 79 9.38 25.79 -8.59
N LEU B 80 9.17 24.52 -8.31
CA LEU B 80 8.54 24.09 -7.07
C LEU B 80 9.53 23.58 -6.04
N LYS B 81 10.84 23.79 -6.27
CA LYS B 81 11.83 23.24 -5.36
C LYS B 81 11.89 24.00 -4.03
N ASP B 82 11.57 25.30 -4.05
CA ASP B 82 11.61 26.07 -2.81
C ASP B 82 10.39 25.77 -1.95
N LEU B 83 9.24 25.52 -2.57
CA LEU B 83 8.06 25.11 -1.82
C LEU B 83 8.32 23.85 -1.02
N ARG B 84 8.93 22.85 -1.67
CA ARG B 84 9.26 21.61 -0.98
C ARG B 84 10.52 21.73 -0.13
N ARG B 85 11.31 22.79 -0.32
CA ARG B 85 12.29 23.17 0.67
C ARG B 85 11.61 23.58 1.97
N LYS B 86 10.50 24.31 1.86
CA LYS B 86 9.80 24.82 3.02
C LYS B 86 8.79 23.82 3.60
N VAL B 87 8.16 23.01 2.75
CA VAL B 87 7.14 22.06 3.17
C VAL B 87 7.63 20.66 2.89
N SER B 88 7.59 19.79 3.89
CA SER B 88 7.98 18.40 3.73
C SER B 88 6.82 17.49 4.07
N LEU B 89 6.75 16.35 3.37
CA LEU B 89 5.67 15.39 3.54
C LEU B 89 6.25 14.00 3.79
N ALA B 90 5.81 13.38 4.87
CA ALA B 90 6.09 11.98 5.17
C ALA B 90 4.91 11.14 4.73
N PHE B 91 5.15 10.21 3.81
CA PHE B 91 4.09 9.44 3.17
C PHE B 91 3.45 8.46 4.16
N GLN B 92 2.25 8.01 3.82
CA GLN B 92 1.59 6.99 4.63
C GLN B 92 2.37 5.68 4.60
N PHE B 93 2.91 5.31 3.45
CA PHE B 93 3.75 4.12 3.29
C PHE B 93 5.18 4.56 3.09
N SER B 94 6.06 4.10 3.98
CA SER B 94 7.47 4.47 3.89
C SER B 94 8.19 3.79 2.72
N GLU B 95 7.59 2.74 2.15
CA GLU B 95 8.21 2.09 1.00
C GLU B 95 8.22 3.02 -0.21
N ALA B 96 7.18 3.83 -0.36
CA ALA B 96 7.09 4.79 -1.45
C ALA B 96 7.94 6.04 -1.22
N GLN B 97 8.75 6.06 -0.16
CA GLN B 97 9.55 7.22 0.20
C GLN B 97 11.05 6.96 0.16
N LEU B 98 11.49 5.74 0.43
CA LEU B 98 12.91 5.41 0.50
C LEU B 98 13.36 4.82 -0.83
N PHE B 99 14.46 5.35 -1.36
CA PHE B 99 15.00 4.87 -2.64
C PHE B 99 16.50 4.68 -2.67
N GLU B 100 17.25 5.19 -1.70
CA GLU B 100 18.70 5.20 -1.77
C GLU B 100 19.28 3.87 -1.28
N ASN B 101 20.58 3.68 -1.52
CA ASN B 101 21.22 2.41 -1.22
C ASN B 101 21.28 2.13 0.28
N THR B 102 21.64 3.12 1.09
CA THR B 102 21.79 2.92 2.53
C THR B 102 20.89 3.90 3.28
N VAL B 103 20.79 3.66 4.59
CA VAL B 103 19.95 4.49 5.45
C VAL B 103 20.53 5.89 5.56
N LEU B 104 21.84 6.00 5.77
CA LEU B 104 22.48 7.31 5.91
C LEU B 104 22.37 8.13 4.62
N LYS B 105 22.67 7.50 3.48
CA LYS B 105 22.56 8.18 2.19
C LYS B 105 21.13 8.65 1.96
N ASP B 106 20.16 7.80 2.29
CA ASP B 106 18.75 8.15 2.13
C ASP B 106 18.36 9.32 3.02
N VAL B 107 18.78 9.30 4.28
CA VAL B 107 18.38 10.35 5.21
C VAL B 107 18.99 11.68 4.81
N GLU B 108 20.25 11.67 4.35
CA GLU B 108 20.91 12.92 4.00
C GLU B 108 20.71 13.30 2.54
N TYR B 109 19.93 12.54 1.79
CA TYR B 109 19.51 12.97 0.46
C TYR B 109 18.84 14.34 0.50
N GLY B 110 17.94 14.54 1.45
CA GLY B 110 17.21 15.78 1.58
C GLY B 110 18.10 16.99 1.81
N PRO B 111 18.92 16.95 2.87
CA PRO B 111 19.83 18.08 3.10
C PRO B 111 20.75 18.39 1.93
N ARG B 112 21.19 17.37 1.19
CA ARG B 112 22.07 17.59 0.04
C ARG B 112 21.41 18.47 -1.01
N ASN B 113 20.12 18.25 -1.25
CA ASN B 113 19.40 19.02 -2.25
C ASN B 113 19.18 20.47 -1.82
N PHE B 114 19.24 20.75 -0.51
CA PHE B 114 18.89 22.06 0.02
C PHE B 114 20.09 22.79 0.60
N GLY B 115 21.25 22.67 -0.07
CA GLY B 115 22.39 23.49 0.27
C GLY B 115 23.16 23.09 1.51
N PHE B 116 23.09 21.83 1.94
CA PHE B 116 23.91 21.33 3.03
C PHE B 116 25.21 20.76 2.47
N SER B 117 26.34 21.20 3.01
CA SER B 117 27.61 20.60 2.64
C SER B 117 27.68 19.17 3.17
N GLU B 118 28.68 18.43 2.69
CA GLU B 118 28.77 17.01 3.05
C GLU B 118 28.92 16.82 4.56
N ASP B 119 29.76 17.65 5.19
CA ASP B 119 29.90 17.57 6.64
C ASP B 119 28.59 17.93 7.34
N GLU B 120 27.95 19.01 6.91
CA GLU B 120 26.68 19.42 7.52
C GLU B 120 25.59 18.38 7.28
N ALA B 121 25.52 17.85 6.06
CA ALA B 121 24.52 16.83 5.75
C ALA B 121 24.74 15.57 6.59
N ARG B 122 26.00 15.15 6.74
CA ARG B 122 26.29 13.97 7.55
C ARG B 122 25.95 14.20 9.02
N GLU B 123 26.30 15.37 9.56
CA GLU B 123 25.98 15.64 10.96
C GLU B 123 24.48 15.69 11.19
N ALA B 124 23.74 16.35 10.29
CA ALA B 124 22.29 16.41 10.43
C ALA B 124 21.67 15.03 10.32
N ALA B 125 22.15 14.22 9.37
CA ALA B 125 21.61 12.88 9.20
C ALA B 125 21.86 12.02 10.45
N LEU B 126 23.08 12.08 10.99
CA LEU B 126 23.38 11.31 12.20
C LEU B 126 22.54 11.78 13.38
N LYS B 127 22.42 13.10 13.55
CA LYS B 127 21.64 13.63 14.66
C LYS B 127 20.18 13.20 14.57
N TRP B 128 19.60 13.26 13.38
CA TRP B 128 18.19 12.91 13.23
C TRP B 128 17.96 11.41 13.16
N LEU B 129 19.00 10.62 12.88
CA LEU B 129 18.87 9.17 13.02
C LEU B 129 18.94 8.76 14.48
N LYS B 130 19.78 9.44 15.27
CA LYS B 130 19.78 9.18 16.71
C LYS B 130 18.51 9.67 17.37
N LYS B 131 17.93 10.77 16.87
CA LYS B 131 16.71 11.31 17.47
C LYS B 131 15.52 10.38 17.26
N VAL B 132 15.46 9.70 16.12
CA VAL B 132 14.33 8.84 15.80
C VAL B 132 14.54 7.45 16.42
N GLY B 133 15.55 7.32 17.26
CA GLY B 133 15.78 6.07 17.97
C GLY B 133 16.15 4.91 17.07
N LEU B 134 17.02 5.14 16.09
CA LEU B 134 17.51 4.08 15.21
C LEU B 134 18.94 3.73 15.62
N LYS B 135 19.25 2.44 15.63
CA LYS B 135 20.54 1.97 16.11
C LYS B 135 21.67 2.48 15.23
N ASP B 136 22.85 2.63 15.84
CA ASP B 136 23.99 3.23 15.14
C ASP B 136 24.50 2.33 14.03
N ASP B 137 24.35 1.01 14.16
CA ASP B 137 24.86 0.08 13.16
C ASP B 137 23.94 -0.07 11.96
N LEU B 138 22.73 0.47 12.01
CA LEU B 138 21.78 0.34 10.92
C LEU B 138 21.91 1.44 9.87
N ILE B 139 22.82 2.39 10.08
CA ILE B 139 22.93 3.52 9.16
C ILE B 139 23.59 3.14 7.84
N GLU B 140 24.29 2.00 7.78
CA GLU B 140 24.93 1.55 6.55
C GLU B 140 24.20 0.37 5.91
N HIS B 141 23.00 0.04 6.40
CA HIS B 141 22.21 -1.02 5.80
C HIS B 141 21.22 -0.43 4.80
N SER B 142 20.70 -1.30 3.94
CA SER B 142 19.72 -0.86 2.96
C SER B 142 18.42 -0.48 3.65
N PRO B 143 17.74 0.58 3.20
CA PRO B 143 16.45 0.93 3.80
C PRO B 143 15.39 -0.14 3.60
N PHE B 144 15.56 -1.02 2.61
CA PHE B 144 14.60 -2.09 2.34
C PHE B 144 14.90 -3.37 3.10
N ASP B 145 16.10 -3.52 3.64
CA ASP B 145 16.41 -4.63 4.54
C ASP B 145 16.13 -4.27 5.99
N LEU B 146 14.92 -3.75 6.23
CA LEU B 146 14.51 -3.29 7.54
C LEU B 146 13.08 -3.70 7.79
N SER B 147 12.67 -3.63 9.06
CA SER B 147 11.30 -3.87 9.44
C SER B 147 10.44 -2.64 9.10
N GLY B 148 9.12 -2.81 9.19
CA GLY B 148 8.22 -1.72 8.85
C GLY B 148 8.40 -0.51 9.75
N GLY B 149 8.52 -0.72 11.05
CA GLY B 149 8.76 0.39 11.96
C GLY B 149 10.10 1.05 11.75
N GLN B 150 11.12 0.25 11.42
CA GLN B 150 12.43 0.81 11.12
C GLN B 150 12.40 1.64 9.83
N MET B 151 11.66 1.17 8.82
CA MET B 151 11.47 1.98 7.62
C MET B 151 10.73 3.27 7.93
N ARG B 152 9.73 3.20 8.82
CA ARG B 152 9.03 4.41 9.23
C ARG B 152 9.96 5.40 9.91
N ARG B 153 10.83 4.90 10.78
CA ARG B 153 11.80 5.76 11.45
C ARG B 153 12.78 6.38 10.44
N VAL B 154 13.21 5.60 9.46
CA VAL B 154 14.12 6.13 8.42
C VAL B 154 13.43 7.24 7.64
N ALA B 155 12.16 7.02 7.27
CA ALA B 155 11.42 8.04 6.53
C ALA B 155 11.25 9.31 7.36
N LEU B 156 10.93 9.17 8.65
CA LEU B 156 10.77 10.33 9.51
C LEU B 156 12.08 11.09 9.66
N ALA B 157 13.18 10.37 9.85
CA ALA B 157 14.48 11.03 9.97
C ALA B 157 14.85 11.77 8.70
N GLY B 158 14.58 11.16 7.54
CA GLY B 158 14.85 11.84 6.29
C GLY B 158 13.99 13.07 6.09
N VAL B 159 12.72 13.00 6.50
CA VAL B 159 11.83 14.15 6.37
C VAL B 159 12.29 15.30 7.27
N LEU B 160 12.66 15.01 8.51
CA LEU B 160 13.00 16.04 9.48
C LEU B 160 14.46 16.48 9.40
N ALA B 161 15.25 15.92 8.49
CA ALA B 161 16.69 16.14 8.52
C ALA B 161 17.07 17.57 8.17
N TYR B 162 16.39 18.17 7.20
CA TYR B 162 16.79 19.46 6.65
C TYR B 162 15.97 20.63 7.20
N GLU B 163 15.23 20.43 8.28
CA GLU B 163 14.54 21.49 9.00
C GLU B 163 13.52 22.24 8.14
N PRO B 164 12.47 21.58 7.64
CA PRO B 164 11.41 22.31 6.96
C PRO B 164 10.57 23.10 7.95
N GLU B 165 9.93 24.16 7.47
CA GLU B 165 9.09 24.95 8.35
C GLU B 165 7.68 24.38 8.47
N ILE B 166 7.28 23.48 7.58
CA ILE B 166 5.99 22.79 7.66
C ILE B 166 6.25 21.30 7.51
N ILE B 167 5.80 20.52 8.48
CA ILE B 167 5.97 19.07 8.51
C ILE B 167 4.58 18.47 8.38
N CYS B 168 4.31 17.78 7.27
CA CYS B 168 3.07 17.05 7.08
C CYS B 168 3.38 15.58 7.26
N LEU B 169 2.60 14.90 8.09
CA LEU B 169 2.90 13.52 8.49
C LEU B 169 1.66 12.67 8.27
N ASP B 170 1.72 11.76 7.28
CA ASP B 170 0.59 10.88 6.97
C ASP B 170 0.70 9.63 7.83
N GLN B 171 0.08 9.67 8.99
CA GLN B 171 0.10 8.57 9.95
C GLN B 171 1.52 8.10 10.27
N PRO B 172 2.37 8.98 10.82
CA PRO B 172 3.75 8.59 11.08
C PRO B 172 3.90 7.61 12.22
N ALA B 173 2.88 7.46 13.06
CA ALA B 173 2.94 6.57 14.21
C ALA B 173 2.47 5.15 13.91
N ALA B 174 1.98 4.91 12.69
CA ALA B 174 1.57 3.56 12.32
C ALA B 174 2.80 2.69 12.13
N GLY B 175 2.80 1.51 12.76
CA GLY B 175 3.92 0.61 12.69
C GLY B 175 4.97 0.80 13.77
N LEU B 176 4.85 1.84 14.58
CA LEU B 176 5.83 2.12 15.63
C LEU B 176 5.39 1.50 16.95
N ASP B 177 6.37 0.95 17.68
CA ASP B 177 6.09 0.37 18.98
C ASP B 177 5.71 1.46 19.97
N PRO B 178 5.03 1.10 21.07
CA PRO B 178 4.56 2.13 22.02
C PRO B 178 5.60 3.15 22.44
N MET B 179 6.79 2.68 22.87
CA MET B 179 7.84 3.62 23.27
C MET B 179 8.27 4.49 22.08
N GLY B 180 8.45 3.88 20.92
CA GLY B 180 8.79 4.65 19.73
C GLY B 180 7.69 5.62 19.34
N ARG B 181 6.43 5.20 19.49
CA ARG B 181 5.30 6.07 19.19
C ARG B 181 5.31 7.31 20.08
N LEU B 182 5.47 7.11 21.39
CA LEU B 182 5.51 8.24 22.31
C LEU B 182 6.71 9.13 22.03
N GLU B 183 7.86 8.53 21.72
CA GLU B 183 9.06 9.31 21.43
C GLU B 183 8.87 10.16 20.19
N MET B 184 8.23 9.61 19.14
CA MET B 184 7.97 10.37 17.94
C MET B 184 6.98 11.50 18.20
N MET B 185 5.94 11.24 18.99
CA MET B 185 4.98 12.30 19.30
C MET B 185 5.66 13.44 20.05
N GLN B 186 6.50 13.11 21.03
CA GLN B 186 7.22 14.14 21.76
C GLN B 186 8.23 14.86 20.86
N LEU B 187 8.86 14.13 19.94
CA LEU B 187 9.78 14.76 18.99
C LEU B 187 9.07 15.76 18.11
N PHE B 188 7.89 15.41 17.60
CA PHE B 188 7.13 16.34 16.79
C PHE B 188 6.66 17.55 17.60
N LYS B 189 6.25 17.32 18.86
CA LYS B 189 5.85 18.45 19.69
C LYS B 189 7.03 19.38 19.97
N ASP B 190 8.21 18.82 20.24
CA ASP B 190 9.39 19.66 20.46
C ASP B 190 9.80 20.38 19.19
N TYR B 191 9.63 19.74 18.03
CA TYR B 191 9.89 20.41 16.76
C TYR B 191 8.95 21.60 16.56
N GLN B 192 7.66 21.39 16.86
CA GLN B 192 6.71 22.48 16.76
C GLN B 192 7.02 23.60 17.74
N ALA B 193 7.55 23.26 18.92
CA ALA B 193 7.94 24.26 19.89
C ALA B 193 9.15 25.07 19.46
N ALA B 194 9.85 24.66 18.40
CA ALA B 194 11.01 25.36 17.89
C ALA B 194 10.67 26.38 16.82
N GLY B 195 9.39 26.58 16.51
CA GLY B 195 8.99 27.55 15.52
C GLY B 195 8.61 26.93 14.19
N HIS B 196 7.90 25.81 14.24
CA HIS B 196 7.51 25.09 13.03
C HIS B 196 6.04 24.71 13.11
N THR B 197 5.45 24.45 11.95
CA THR B 197 4.06 24.02 11.84
C THR B 197 4.03 22.52 11.58
N VAL B 198 3.16 21.81 12.30
CA VAL B 198 3.04 20.37 12.19
C VAL B 198 1.59 20.05 11.84
N ILE B 199 1.39 19.39 10.70
CA ILE B 199 0.09 18.85 10.30
C ILE B 199 0.17 17.34 10.35
N LEU B 200 -0.78 16.72 11.04
CA LEU B 200 -0.67 15.31 11.43
C LEU B 200 -1.95 14.57 11.05
N VAL B 201 -1.86 13.67 10.08
CA VAL B 201 -2.93 12.70 9.86
C VAL B 201 -2.80 11.60 10.89
N THR B 202 -3.89 11.35 11.63
CA THR B 202 -3.85 10.36 12.68
C THR B 202 -5.22 9.70 12.80
N HIS B 203 -5.21 8.45 13.25
CA HIS B 203 -6.43 7.72 13.58
C HIS B 203 -6.57 7.49 15.07
N ASN B 204 -5.72 8.11 15.88
CA ASN B 204 -5.72 7.97 17.33
C ASN B 204 -6.16 9.31 17.92
N MET B 205 -7.36 9.34 18.48
CA MET B 205 -7.89 10.58 19.04
C MET B 205 -7.16 11.01 20.31
N ASP B 206 -6.46 10.09 20.96
CA ASP B 206 -5.65 10.46 22.12
C ASP B 206 -4.51 11.40 21.71
N ASP B 207 -3.89 11.13 20.57
CA ASP B 207 -2.87 12.04 20.05
C ASP B 207 -3.46 13.42 19.77
N VAL B 208 -4.68 13.45 19.22
CA VAL B 208 -5.35 14.72 18.95
C VAL B 208 -5.58 15.48 20.25
N ALA B 209 -6.06 14.79 21.27
CA ALA B 209 -6.34 15.46 22.55
C ALA B 209 -5.06 15.88 23.25
N ASP B 210 -3.95 15.17 23.01
CA ASP B 210 -2.72 15.46 23.74
C ASP B 210 -1.92 16.59 23.08
N TYR B 211 -1.70 16.49 21.77
CA TYR B 211 -0.72 17.35 21.11
C TYR B 211 -1.30 18.37 20.15
N ALA B 212 -2.49 18.14 19.61
CA ALA B 212 -3.03 19.01 18.58
C ALA B 212 -3.51 20.32 19.17
N ASP B 213 -3.17 21.43 18.52
CA ASP B 213 -3.73 22.74 18.83
C ASP B 213 -5.00 23.01 18.05
N ASP B 214 -5.09 22.50 16.82
CA ASP B 214 -6.25 22.67 15.97
C ASP B 214 -6.57 21.33 15.30
N VAL B 215 -7.84 21.13 14.98
CA VAL B 215 -8.32 19.87 14.43
C VAL B 215 -9.03 20.16 13.11
N LEU B 216 -8.77 19.31 12.12
CA LEU B 216 -9.35 19.43 10.78
C LEU B 216 -9.99 18.10 10.45
N ALA B 217 -11.31 18.05 10.42
CA ALA B 217 -12.06 16.80 10.27
C ALA B 217 -12.64 16.70 8.87
N LEU B 218 -12.40 15.56 8.22
CA LEU B 218 -12.84 15.30 6.86
C LEU B 218 -13.91 14.22 6.85
N GLU B 219 -14.72 14.24 5.78
CA GLU B 219 -15.71 13.20 5.54
C GLU B 219 -16.05 13.22 4.06
N HIS B 220 -15.65 12.17 3.34
CA HIS B 220 -15.93 12.03 1.91
C HIS B 220 -15.41 13.21 1.11
N GLY B 221 -14.29 13.77 1.54
CA GLY B 221 -13.71 14.92 0.88
C GLY B 221 -14.25 16.27 1.31
N ARG B 222 -15.28 16.29 2.15
CA ARG B 222 -15.86 17.52 2.66
C ARG B 222 -15.29 17.82 4.04
N LEU B 223 -14.93 19.08 4.26
CA LEU B 223 -14.46 19.52 5.58
C LEU B 223 -15.67 19.69 6.48
N ILE B 224 -15.80 18.81 7.49
CA ILE B 224 -16.98 18.84 8.34
C ILE B 224 -16.78 19.63 9.62
N LYS B 225 -15.54 19.81 10.07
CA LYS B 225 -15.28 20.62 11.25
C LYS B 225 -13.86 21.13 11.23
N HIS B 226 -13.67 22.35 11.74
CA HIS B 226 -12.37 22.99 11.85
C HIS B 226 -12.38 23.74 13.18
N ALA B 227 -11.87 23.08 14.22
CA ALA B 227 -11.97 23.62 15.58
C ALA B 227 -10.86 23.02 16.44
N SER B 228 -10.82 23.48 17.69
CA SER B 228 -9.87 22.96 18.65
C SER B 228 -10.31 21.57 19.13
N PRO B 229 -9.38 20.79 19.70
CA PRO B 229 -9.78 19.45 20.17
C PRO B 229 -10.93 19.46 21.17
N LYS B 230 -10.97 20.45 22.07
CA LYS B 230 -12.07 20.53 23.03
C LYS B 230 -13.40 20.67 22.31
N GLU B 231 -13.49 21.60 21.36
CA GLU B 231 -14.74 21.84 20.65
C GLU B 231 -15.10 20.67 19.75
N VAL B 232 -14.10 20.00 19.17
CA VAL B 232 -14.37 18.83 18.34
C VAL B 232 -14.95 17.70 19.19
N PHE B 233 -14.40 17.48 20.38
CA PHE B 233 -14.82 16.37 21.23
C PHE B 233 -15.86 16.76 22.27
N LYS B 234 -16.46 17.94 22.16
CA LYS B 234 -17.56 18.29 23.06
C LYS B 234 -18.71 17.28 22.97
N ASP B 235 -19.14 16.97 21.77
CA ASP B 235 -20.33 16.15 21.54
C ASP B 235 -19.95 14.79 20.98
N SER B 236 -20.45 13.73 21.62
CA SER B 236 -20.19 12.38 21.14
C SER B 236 -21.16 11.96 20.04
N GLU B 237 -22.38 12.48 20.07
CA GLU B 237 -23.33 12.18 18.99
C GLU B 237 -22.84 12.69 17.66
N TRP B 238 -22.30 13.91 17.62
CA TRP B 238 -21.72 14.43 16.39
C TRP B 238 -20.53 13.60 15.95
N LEU B 239 -19.69 13.18 16.90
CA LEU B 239 -18.52 12.39 16.56
C LEU B 239 -18.91 11.05 15.94
N GLN B 240 -19.85 10.35 16.55
CA GLN B 240 -20.29 9.06 16.02
C GLN B 240 -21.00 9.22 14.69
N LYS B 241 -21.80 10.28 14.55
CA LYS B 241 -22.54 10.51 13.30
C LYS B 241 -21.61 10.70 12.12
N HIS B 242 -20.41 11.23 12.34
CA HIS B 242 -19.49 11.58 11.27
C HIS B 242 -18.27 10.67 11.23
N HIS B 243 -18.46 9.39 11.53
CA HIS B 243 -17.45 8.35 11.38
C HIS B 243 -16.23 8.59 12.27
N LEU B 244 -16.34 9.46 13.27
CA LEU B 244 -15.23 9.81 14.13
C LEU B 244 -15.43 9.23 15.53
N ALA B 245 -14.36 9.24 16.30
CA ALA B 245 -14.35 8.65 17.63
C ALA B 245 -13.97 9.71 18.67
N GLU B 246 -13.78 9.25 19.90
CA GLU B 246 -13.51 10.10 21.05
C GLU B 246 -12.30 9.57 21.78
N PRO B 247 -11.51 10.45 22.42
CA PRO B 247 -10.35 9.97 23.18
C PRO B 247 -10.76 9.01 24.28
N ARG B 248 -9.88 8.06 24.56
CA ARG B 248 -10.18 7.04 25.57
C ARG B 248 -10.38 7.66 26.94
N SER B 249 -9.73 8.78 27.23
CA SER B 249 -9.97 9.47 28.49
C SER B 249 -11.40 10.01 28.56
N ALA B 250 -11.89 10.59 27.46
CA ALA B 250 -13.27 11.07 27.44
C ALA B 250 -14.25 9.91 27.53
N ARG B 251 -13.95 8.79 26.86
CA ARG B 251 -14.82 7.63 26.94
C ARG B 251 -14.86 7.08 28.37
N PHE B 252 -13.71 7.03 29.05
CA PHE B 252 -13.69 6.58 30.43
C PHE B 252 -14.43 7.54 31.34
N ALA B 253 -14.33 8.85 31.08
CA ALA B 253 -15.09 9.82 31.86
C ALA B 253 -16.59 9.62 31.65
N ALA B 254 -17.01 9.34 30.43
CA ALA B 254 -18.43 9.04 30.17
C ALA B 254 -18.86 7.78 30.91
N LYS B 255 -18.03 6.74 30.90
CA LYS B 255 -18.33 5.52 31.64
C LYS B 255 -18.47 5.80 33.12
N LEU B 256 -17.56 6.61 33.68
CA LEU B 256 -17.59 6.93 35.10
C LEU B 256 -18.85 7.72 35.44
N GLU B 257 -19.23 8.67 34.58
CA GLU B 257 -20.45 9.45 34.82
C GLU B 257 -21.69 8.57 34.72
N ALA B 258 -21.68 7.60 33.81
CA ALA B 258 -22.83 6.70 33.68
C ALA B 258 -23.03 5.87 34.96
N ALA B 259 -21.94 5.43 35.58
CA ALA B 259 -22.02 4.67 36.81
C ALA B 259 -22.47 5.52 38.00
N GLY B 260 -22.42 6.85 37.88
CA GLY B 260 -22.86 7.73 38.96
C GLY B 260 -21.78 8.65 39.49
N LEU B 261 -20.58 8.67 38.92
CA LEU B 261 -19.50 9.55 39.38
C LEU B 261 -19.32 10.67 38.35
N LYS B 262 -19.96 11.80 38.60
CA LYS B 262 -19.84 12.95 37.71
C LYS B 262 -18.47 13.61 37.87
N LEU B 263 -17.90 14.04 36.75
CA LEU B 263 -16.60 14.69 36.75
C LEU B 263 -16.72 16.13 36.27
N PRO B 264 -15.99 17.06 36.88
CA PRO B 264 -16.04 18.46 36.41
C PRO B 264 -15.47 18.58 35.00
N GLY B 265 -16.08 19.47 34.21
CA GLY B 265 -15.62 19.71 32.86
C GLY B 265 -15.73 18.47 32.00
N GLN B 266 -14.84 18.37 31.02
CA GLN B 266 -14.74 17.20 30.14
C GLN B 266 -13.28 16.85 29.96
N PRO B 267 -12.78 15.87 30.70
CA PRO B 267 -11.38 15.44 30.50
C PRO B 267 -11.18 14.86 29.10
N LEU B 268 -10.01 15.16 28.53
CA LEU B 268 -9.61 14.59 27.25
C LEU B 268 -8.24 13.92 27.27
N THR B 269 -7.38 14.28 28.21
CA THR B 269 -6.07 13.66 28.37
C THR B 269 -6.06 12.85 29.67
N MET B 270 -5.14 11.89 29.74
CA MET B 270 -5.07 11.01 30.91
C MET B 270 -4.76 11.75 32.20
N PRO B 271 -3.75 12.64 32.27
CA PRO B 271 -3.56 13.40 33.52
C PRO B 271 -4.76 14.26 33.88
N GLU B 272 -5.44 14.84 32.89
CA GLU B 272 -6.65 15.61 33.16
C GLU B 272 -7.74 14.72 33.76
N LEU B 273 -7.90 13.51 33.22
CA LEU B 273 -8.89 12.59 33.76
C LEU B 273 -8.53 12.16 35.18
N ALA B 274 -7.25 11.94 35.45
CA ALA B 274 -6.83 11.58 36.80
C ALA B 274 -7.09 12.72 37.77
N ASP B 275 -6.81 13.96 37.36
CA ASP B 275 -7.11 15.11 38.21
C ASP B 275 -8.60 15.23 38.47
N ALA B 276 -9.42 15.03 37.43
CA ALA B 276 -10.87 15.10 37.62
C ALA B 276 -11.36 14.01 38.57
N ILE B 277 -10.82 12.80 38.44
CA ILE B 277 -11.21 11.71 39.33
C ILE B 277 -10.83 12.03 40.77
N LYS B 278 -9.62 12.54 40.98
CA LYS B 278 -9.20 12.90 42.34
C LYS B 278 -10.06 14.02 42.91
N GLN B 279 -10.41 14.99 42.07
CA GLN B 279 -11.28 16.07 42.53
C GLN B 279 -12.66 15.55 42.91
N SER B 280 -13.19 14.62 42.12
CA SER B 280 -14.50 14.04 42.43
C SER B 280 -14.44 13.24 43.73
N LEU B 281 -13.37 12.48 43.94
CA LEU B 281 -13.22 11.71 45.17
C LEU B 281 -12.86 12.58 46.37
N LYS B 282 -12.45 13.83 46.15
CA LYS B 282 -12.07 14.71 47.24
C LYS B 282 -13.29 15.32 47.92
N LYS C 3 -1.01 9.05 -18.43
CA LYS C 3 -0.40 7.88 -17.80
C LYS C 3 -0.34 6.72 -18.80
N ILE C 4 0.74 5.94 -18.74
CA ILE C 4 0.93 4.83 -19.65
C ILE C 4 -0.14 3.78 -19.41
N ILE C 5 -0.70 3.25 -20.49
CA ILE C 5 -1.78 2.27 -20.43
C ILE C 5 -1.41 0.91 -20.98
N ILE C 6 -0.21 0.75 -21.56
CA ILE C 6 0.18 -0.54 -22.09
C ILE C 6 0.39 -1.51 -20.93
N GLY C 7 0.01 -2.77 -21.14
CA GLY C 7 0.10 -3.77 -20.10
C GLY C 7 -0.84 -3.57 -18.93
N ARG C 8 -1.47 -2.40 -18.82
CA ARG C 8 -2.30 -2.05 -17.68
C ARG C 8 -3.77 -2.24 -18.06
N TYR C 9 -4.52 -2.89 -17.16
CA TYR C 9 -5.93 -3.15 -17.41
C TYR C 9 -6.74 -1.90 -17.08
N LEU C 10 -7.49 -1.41 -18.06
CA LEU C 10 -8.40 -0.28 -17.86
C LEU C 10 -9.83 -0.80 -17.86
N PRO C 11 -10.57 -0.64 -16.77
CA PRO C 11 -11.94 -1.15 -16.73
C PRO C 11 -12.82 -0.50 -17.80
N GLY C 12 -13.76 -1.28 -18.31
CA GLY C 12 -14.65 -0.81 -19.36
C GLY C 12 -15.85 -1.73 -19.48
N THR C 13 -16.81 -1.29 -20.29
CA THR C 13 -18.07 -2.01 -20.43
C THR C 13 -18.45 -2.32 -21.88
N THR C 14 -17.62 -1.96 -22.85
CA THR C 14 -17.97 -2.20 -24.25
C THR C 14 -17.85 -3.68 -24.58
N PHE C 15 -18.11 -4.01 -25.86
CA PHE C 15 -18.24 -5.40 -26.25
C PHE C 15 -16.90 -6.14 -26.21
N VAL C 16 -15.79 -5.43 -26.43
CA VAL C 16 -14.50 -6.11 -26.47
C VAL C 16 -14.10 -6.63 -25.09
N TYR C 17 -14.66 -6.06 -24.03
CA TYR C 17 -14.41 -6.55 -22.68
C TYR C 17 -15.14 -7.85 -22.38
N ARG C 18 -16.24 -8.12 -23.06
CA ARG C 18 -16.98 -9.37 -22.89
C ARG C 18 -16.50 -10.46 -23.82
N VAL C 19 -15.57 -10.17 -24.72
CA VAL C 19 -14.97 -11.20 -25.56
C VAL C 19 -14.09 -12.10 -24.69
N ASP C 20 -14.06 -13.38 -25.04
CA ASP C 20 -13.25 -14.33 -24.30
C ASP C 20 -11.77 -13.93 -24.38
N PRO C 21 -11.03 -14.00 -23.28
CA PRO C 21 -9.59 -13.71 -23.35
C PRO C 21 -8.84 -14.63 -24.29
N ARG C 22 -9.28 -15.88 -24.44
CA ARG C 22 -8.64 -16.79 -25.38
C ARG C 22 -8.88 -16.36 -26.82
N ALA C 23 -10.12 -15.97 -27.14
CA ALA C 23 -10.42 -15.47 -28.47
C ALA C 23 -9.68 -14.16 -28.74
N LYS C 24 -9.61 -13.29 -27.74
CA LYS C 24 -8.88 -12.03 -27.89
C LYS C 24 -7.40 -12.29 -28.14
N LEU C 25 -6.81 -13.22 -27.40
CA LEU C 25 -5.40 -13.54 -27.58
C LEU C 25 -5.13 -14.16 -28.95
N LEU C 26 -6.01 -15.06 -29.39
CA LEU C 26 -5.88 -15.64 -30.72
C LEU C 26 -5.99 -14.57 -31.79
N THR C 27 -6.92 -13.64 -31.63
CA THR C 27 -7.07 -12.55 -32.59
C THR C 27 -5.84 -11.66 -32.61
N THR C 28 -5.28 -11.36 -31.44
CA THR C 28 -4.09 -10.53 -31.37
C THR C 28 -2.91 -11.20 -32.08
N PHE C 29 -2.68 -12.48 -31.79
CA PHE C 29 -1.57 -13.20 -32.43
C PHE C 29 -1.80 -13.34 -33.92
N TYR C 30 -3.05 -13.58 -34.34
CA TYR C 30 -3.35 -13.68 -35.77
C TYR C 30 -3.12 -12.35 -36.48
N PHE C 31 -3.51 -11.24 -35.85
CA PHE C 31 -3.27 -9.94 -36.45
C PHE C 31 -1.78 -9.65 -36.53
N ILE C 32 -1.01 -10.01 -35.50
CA ILE C 32 0.43 -9.83 -35.56
C ILE C 32 1.04 -10.66 -36.68
N ILE C 33 0.51 -11.87 -36.88
CA ILE C 33 0.97 -12.71 -37.99
C ILE C 33 0.66 -12.04 -39.32
N MET C 34 -0.56 -11.50 -39.46
CA MET C 34 -0.96 -10.84 -40.70
C MET C 34 -0.15 -9.59 -40.96
N ILE C 35 0.34 -8.93 -39.90
CA ILE C 35 1.10 -7.70 -40.07
C ILE C 35 2.34 -7.95 -40.92
N PHE C 36 3.00 -9.09 -40.72
CA PHE C 36 4.18 -9.44 -41.49
C PHE C 36 3.84 -9.91 -42.90
N LEU C 37 2.56 -10.09 -43.23
CA LEU C 37 2.13 -10.49 -44.56
C LEU C 37 1.75 -9.30 -45.43
N ALA C 38 2.07 -8.08 -45.00
CA ALA C 38 1.78 -6.88 -45.77
C ALA C 38 2.99 -6.55 -46.64
N ASN C 39 2.80 -6.62 -47.96
CA ASN C 39 3.87 -6.31 -48.90
C ASN C 39 3.60 -5.09 -49.77
N ASN C 40 2.34 -4.80 -50.06
CA ASN C 40 1.97 -3.66 -50.88
C ASN C 40 1.61 -2.47 -50.01
N TRP C 41 1.56 -1.29 -50.62
CA TRP C 41 1.11 -0.11 -49.90
C TRP C 41 -0.35 -0.24 -49.49
N VAL C 42 -1.17 -0.81 -50.37
CA VAL C 42 -2.59 -0.97 -50.08
C VAL C 42 -2.82 -2.04 -49.02
N SER C 43 -1.97 -3.08 -48.98
CA SER C 43 -2.09 -4.06 -47.90
C SER C 43 -1.74 -3.45 -46.55
N TYR C 44 -0.70 -2.62 -46.51
CA TYR C 44 -0.36 -1.90 -45.29
C TYR C 44 -1.49 -0.96 -44.89
N LEU C 45 -2.13 -0.32 -45.88
CA LEU C 45 -3.28 0.52 -45.58
C LEU C 45 -4.43 -0.29 -44.99
N VAL C 46 -4.70 -1.47 -45.56
CA VAL C 46 -5.79 -2.31 -45.06
C VAL C 46 -5.53 -2.71 -43.62
N ILE C 47 -4.30 -3.15 -43.33
CA ILE C 47 -3.96 -3.48 -41.95
C ILE C 47 -4.04 -2.24 -41.07
N SER C 48 -3.82 -1.06 -41.66
CA SER C 48 -3.94 0.17 -40.87
C SER C 48 -5.38 0.43 -40.43
N ILE C 49 -6.32 0.38 -41.37
CA ILE C 49 -7.73 0.55 -40.98
C ILE C 49 -8.17 -0.55 -40.02
N PHE C 50 -7.70 -1.78 -40.22
CA PHE C 50 -8.13 -2.84 -39.32
C PHE C 50 -7.60 -2.63 -37.91
N GLY C 51 -6.33 -2.22 -37.78
CA GLY C 51 -5.80 -1.91 -36.46
C GLY C 51 -6.50 -0.74 -35.81
N LEU C 52 -6.80 0.31 -36.59
CA LEU C 52 -7.49 1.46 -36.03
C LEU C 52 -8.90 1.11 -35.58
N ALA C 53 -9.60 0.25 -36.33
CA ALA C 53 -10.92 -0.21 -35.91
C ALA C 53 -10.82 -1.05 -34.64
N TYR C 54 -9.81 -1.90 -34.56
CA TYR C 54 -9.58 -2.68 -33.34
C TYR C 54 -9.36 -1.76 -32.14
N VAL C 55 -8.60 -0.67 -32.34
CA VAL C 55 -8.36 0.27 -31.25
C VAL C 55 -9.63 1.02 -30.88
N PHE C 56 -10.41 1.46 -31.89
CA PHE C 56 -11.64 2.17 -31.61
C PHE C 56 -12.66 1.30 -30.88
N ALA C 57 -12.64 -0.01 -31.15
CA ALA C 57 -13.55 -0.91 -30.45
C ALA C 57 -13.29 -0.96 -28.95
N THR C 58 -12.10 -0.56 -28.50
CA THR C 58 -11.81 -0.55 -27.07
C THR C 58 -12.73 0.40 -26.30
N GLY C 59 -13.15 1.49 -26.93
CA GLY C 59 -14.01 2.46 -26.30
C GLY C 59 -13.30 3.57 -25.55
N LEU C 60 -11.99 3.46 -25.37
CA LEU C 60 -11.23 4.53 -24.75
C LEU C 60 -11.18 5.75 -25.66
N LYS C 61 -11.14 6.93 -25.06
CA LYS C 61 -11.03 8.15 -25.83
C LYS C 61 -9.69 8.17 -26.58
N ALA C 62 -9.73 8.73 -27.79
CA ALA C 62 -8.52 8.74 -28.62
C ALA C 62 -7.39 9.50 -27.93
N ARG C 63 -7.72 10.57 -27.21
CA ARG C 63 -6.69 11.32 -26.48
C ARG C 63 -6.07 10.46 -25.39
N VAL C 64 -6.89 9.68 -24.68
CA VAL C 64 -6.37 8.83 -23.61
C VAL C 64 -5.45 7.76 -24.18
N PHE C 65 -5.86 7.12 -25.27
CA PHE C 65 -5.04 6.10 -25.89
C PHE C 65 -3.72 6.69 -26.39
N TRP C 66 -3.78 7.87 -27.03
CA TRP C 66 -2.57 8.51 -27.52
C TRP C 66 -1.64 8.87 -26.37
N ASP C 67 -2.18 9.40 -25.27
CA ASP C 67 -1.34 9.74 -24.13
C ASP C 67 -0.76 8.50 -23.48
N GLY C 68 -1.45 7.36 -23.59
CA GLY C 68 -0.93 6.13 -23.04
C GLY C 68 0.13 5.46 -23.90
N VAL C 69 0.10 5.70 -25.21
CA VAL C 69 1.04 5.05 -26.12
C VAL C 69 2.07 6.02 -26.70
N LYS C 70 2.08 7.28 -26.26
CA LYS C 70 2.97 8.28 -26.86
C LYS C 70 4.45 7.95 -26.79
N PRO C 71 5.06 7.66 -25.62
CA PRO C 71 6.52 7.50 -25.59
C PRO C 71 7.03 6.38 -26.48
N MET C 72 6.31 5.26 -26.52
CA MET C 72 6.74 4.14 -27.34
C MET C 72 6.47 4.37 -28.82
N ILE C 73 5.44 5.16 -29.15
CA ILE C 73 5.27 5.60 -30.52
C ILE C 73 6.46 6.45 -30.96
N TRP C 74 6.92 7.35 -30.08
CA TRP C 74 8.09 8.16 -30.41
C TRP C 74 9.35 7.30 -30.55
N MET C 75 9.49 6.29 -29.69
CA MET C 75 10.62 5.37 -29.81
C MET C 75 10.58 4.64 -31.15
N ILE C 76 9.39 4.19 -31.57
CA ILE C 76 9.24 3.52 -32.86
C ILE C 76 9.57 4.46 -33.99
N VAL C 77 9.17 5.73 -33.87
CA VAL C 77 9.51 6.73 -34.89
C VAL C 77 11.01 6.91 -34.99
N PHE C 78 11.70 6.97 -33.84
CA PHE C 78 13.15 7.09 -33.84
C PHE C 78 13.81 5.88 -34.51
N THR C 79 13.33 4.67 -34.18
CA THR C 79 13.89 3.47 -34.80
C THR C 79 13.64 3.45 -36.30
N SER C 80 12.45 3.86 -36.73
CA SER C 80 12.14 3.89 -38.17
C SER C 80 13.02 4.90 -38.89
N LEU C 81 13.26 6.06 -38.28
CA LEU C 81 14.16 7.04 -38.88
C LEU C 81 15.59 6.52 -38.96
N LEU C 82 16.03 5.80 -37.92
CA LEU C 82 17.35 5.19 -37.96
C LEU C 82 17.47 4.18 -39.09
N GLN C 83 16.45 3.36 -39.28
CA GLN C 83 16.47 2.39 -40.38
C GLN C 83 16.41 3.10 -41.74
N THR C 84 15.67 4.20 -41.83
CA THR C 84 15.64 4.97 -43.07
C THR C 84 17.00 5.53 -43.42
N PHE C 85 17.72 6.05 -42.41
CA PHE C 85 19.04 6.62 -42.66
C PHE C 85 20.07 5.54 -42.98
N PHE C 86 20.04 4.42 -42.25
CA PHE C 86 21.08 3.40 -42.41
C PHE C 86 21.01 2.73 -43.78
N MET C 87 19.81 2.41 -44.24
CA MET C 87 19.64 1.67 -45.50
C MET C 87 19.08 2.60 -46.56
N ALA C 88 19.64 2.53 -47.76
CA ALA C 88 19.24 3.39 -48.87
C ALA C 88 19.16 2.56 -50.15
N GLY C 89 18.47 3.13 -51.14
CA GLY C 89 18.35 2.48 -52.43
C GLY C 89 17.53 3.34 -53.37
N GLY C 90 17.67 3.04 -54.66
CA GLY C 90 16.94 3.79 -55.66
C GLY C 90 17.37 5.24 -55.71
N LYS C 91 16.38 6.13 -55.77
CA LYS C 91 16.66 7.56 -55.83
C LYS C 91 17.28 8.05 -54.52
N VAL C 92 18.15 9.05 -54.64
CA VAL C 92 18.83 9.65 -53.51
C VAL C 92 18.47 11.13 -53.47
N TYR C 93 18.08 11.62 -52.29
CA TYR C 93 17.65 13.01 -52.14
C TYR C 93 18.79 13.93 -51.73
N TRP C 94 19.41 13.65 -50.58
CA TRP C 94 20.42 14.55 -50.02
C TRP C 94 21.81 13.92 -49.93
N HIS C 95 21.90 12.70 -49.39
CA HIS C 95 23.19 12.03 -49.20
C HIS C 95 24.14 12.89 -48.37
N TRP C 96 23.63 13.49 -47.30
CA TRP C 96 24.42 14.40 -46.48
C TRP C 96 25.35 13.61 -45.58
N TRP C 97 26.65 13.75 -45.83
CA TRP C 97 27.71 13.09 -45.05
C TRP C 97 27.54 11.57 -45.16
N ILE C 98 27.97 10.84 -44.12
CA ILE C 98 27.90 9.38 -44.16
C ILE C 98 26.46 8.88 -44.18
N PHE C 99 25.52 9.65 -43.67
CA PHE C 99 24.11 9.29 -43.74
C PHE C 99 23.54 9.72 -45.09
N THR C 100 22.34 9.20 -45.39
CA THR C 100 21.71 9.50 -46.66
C THR C 100 20.20 9.33 -46.53
N LEU C 101 19.48 9.93 -47.47
CA LEU C 101 18.02 9.85 -47.53
C LEU C 101 17.63 9.37 -48.92
N SER C 102 16.83 8.30 -48.97
CA SER C 102 16.47 7.67 -50.23
C SER C 102 14.97 7.37 -50.24
N SER C 103 14.41 7.28 -51.45
CA SER C 103 13.00 6.96 -51.59
C SER C 103 12.70 5.55 -51.07
N GLU C 104 13.53 4.58 -51.44
CA GLU C 104 13.35 3.22 -50.92
C GLU C 104 13.56 3.19 -49.40
N GLY C 105 14.55 3.92 -48.91
CA GLY C 105 14.75 3.99 -47.46
C GLY C 105 13.56 4.60 -46.75
N LEU C 106 12.99 5.67 -47.32
CA LEU C 106 11.81 6.28 -46.73
C LEU C 106 10.64 5.31 -46.74
N ILE C 107 10.46 4.57 -47.84
CA ILE C 107 9.35 3.63 -47.94
C ILE C 107 9.48 2.54 -46.88
N ASN C 108 10.68 1.97 -46.75
CA ASN C 108 10.88 0.91 -45.77
C ASN C 108 10.80 1.44 -44.35
N GLY C 109 11.24 2.68 -44.11
CA GLY C 109 11.07 3.26 -42.79
C GLY C 109 9.61 3.44 -42.43
N LEU C 110 8.81 3.93 -43.37
CA LEU C 110 7.37 4.05 -43.15
C LEU C 110 6.75 2.68 -42.88
N TYR C 111 7.15 1.66 -43.64
CA TYR C 111 6.60 0.32 -43.46
C TYR C 111 6.95 -0.25 -42.09
N VAL C 112 8.21 -0.08 -41.66
CA VAL C 112 8.61 -0.56 -40.35
C VAL C 112 7.88 0.20 -39.25
N PHE C 113 7.71 1.51 -39.41
CA PHE C 113 6.95 2.27 -38.43
C PHE C 113 5.53 1.75 -38.32
N ILE C 114 4.87 1.51 -39.45
CA ILE C 114 3.49 1.02 -39.43
C ILE C 114 3.42 -0.35 -38.76
N ARG C 115 4.36 -1.24 -39.12
CA ARG C 115 4.35 -2.59 -38.59
C ARG C 115 4.53 -2.59 -37.08
N PHE C 116 5.58 -1.93 -36.60
CA PHE C 116 5.84 -1.91 -35.16
C PHE C 116 4.74 -1.17 -34.42
N ALA C 117 4.25 -0.07 -35.00
CA ALA C 117 3.17 0.69 -34.35
C ALA C 117 1.96 -0.19 -34.13
N MET C 118 1.51 -0.90 -35.17
CA MET C 118 0.27 -1.66 -35.00
C MET C 118 0.48 -2.93 -34.19
N ILE C 119 1.70 -3.47 -34.16
CA ILE C 119 1.99 -4.49 -33.16
C ILE C 119 1.76 -3.93 -31.76
N ILE C 120 2.27 -2.72 -31.52
CA ILE C 120 2.06 -2.08 -30.22
C ILE C 120 0.58 -1.85 -29.95
N LEU C 121 -0.16 -1.37 -30.96
CA LEU C 121 -1.58 -1.09 -30.76
C LEU C 121 -2.37 -2.36 -30.43
N VAL C 122 -2.11 -3.46 -31.14
CA VAL C 122 -2.87 -4.67 -30.84
C VAL C 122 -2.47 -5.24 -29.47
N SER C 123 -1.19 -5.16 -29.12
CA SER C 123 -0.78 -5.61 -27.79
C SER C 123 -1.44 -4.77 -26.69
N THR C 124 -1.49 -3.45 -26.89
CA THR C 124 -2.11 -2.56 -25.91
C THR C 124 -3.59 -2.82 -25.80
N VAL C 125 -4.27 -3.05 -26.93
CA VAL C 125 -5.70 -3.34 -26.88
C VAL C 125 -5.96 -4.66 -26.16
N MET C 126 -5.08 -5.64 -26.36
CA MET C 126 -5.24 -6.90 -25.64
C MET C 126 -5.05 -6.72 -24.15
N THR C 127 -4.02 -5.99 -23.74
CA THR C 127 -3.72 -5.89 -22.31
C THR C 127 -4.65 -4.94 -21.58
N VAL C 128 -5.16 -3.92 -22.26
CA VAL C 128 -6.06 -2.96 -21.61
C VAL C 128 -7.41 -3.58 -21.31
N THR C 129 -7.94 -4.38 -22.24
CA THR C 129 -9.28 -4.92 -22.11
C THR C 129 -9.33 -6.27 -21.40
N THR C 130 -8.19 -6.82 -20.99
CA THR C 130 -8.15 -8.13 -20.36
C THR C 130 -7.36 -8.07 -19.07
N LYS C 131 -7.89 -8.72 -18.03
CA LYS C 131 -7.20 -8.78 -16.76
C LYS C 131 -5.92 -9.59 -16.88
N PRO C 132 -4.87 -9.21 -16.14
CA PRO C 132 -3.58 -9.91 -16.29
C PRO C 132 -3.66 -11.41 -16.00
N LEU C 133 -4.43 -11.81 -14.99
CA LEU C 133 -4.60 -13.24 -14.73
C LEU C 133 -5.44 -13.90 -15.81
N GLU C 134 -6.37 -13.15 -16.42
CA GLU C 134 -7.09 -13.68 -17.57
C GLU C 134 -6.16 -13.87 -18.76
N ILE C 135 -5.22 -12.94 -18.96
CA ILE C 135 -4.21 -13.12 -20.01
C ILE C 135 -3.38 -14.35 -19.73
N ALA C 136 -2.99 -14.56 -18.46
CA ALA C 136 -2.21 -15.74 -18.11
C ALA C 136 -3.00 -17.03 -18.37
N ASP C 137 -4.28 -17.03 -18.02
CA ASP C 137 -5.11 -18.20 -18.25
C ASP C 137 -5.26 -18.49 -19.75
N ALA C 138 -5.48 -17.45 -20.55
CA ALA C 138 -5.57 -17.63 -22.00
C ALA C 138 -4.26 -18.13 -22.58
N MET C 139 -3.14 -17.61 -22.09
CA MET C 139 -1.83 -18.06 -22.56
C MET C 139 -1.60 -19.53 -22.22
N GLU C 140 -1.98 -19.94 -21.02
CA GLU C 140 -1.83 -21.35 -20.64
C GLU C 140 -2.75 -22.24 -21.47
N TRP C 141 -3.96 -21.76 -21.76
CA TRP C 141 -4.88 -22.53 -22.60
C TRP C 141 -4.32 -22.69 -24.01
N MET C 142 -3.71 -21.64 -24.55
CA MET C 142 -3.15 -21.71 -25.90
C MET C 142 -2.01 -22.70 -25.98
N LEU C 143 -1.18 -22.78 -24.94
CA LEU C 143 -0.04 -23.67 -24.89
C LEU C 143 -0.40 -25.08 -24.46
N THR C 144 -1.69 -25.46 -24.56
CA THR C 144 -2.10 -26.80 -24.17
C THR C 144 -1.40 -27.89 -24.97
N PRO C 145 -1.28 -27.81 -26.31
CA PRO C 145 -0.49 -28.84 -27.01
C PRO C 145 0.95 -28.92 -26.54
N LEU C 146 1.56 -27.77 -26.21
CA LEU C 146 2.91 -27.76 -25.67
C LEU C 146 3.01 -28.53 -24.35
N LYS C 147 1.87 -28.93 -23.76
CA LYS C 147 1.90 -29.81 -22.60
C LYS C 147 2.56 -31.13 -22.91
N LEU C 148 2.64 -31.52 -24.18
CA LEU C 148 3.40 -32.71 -24.53
C LEU C 148 4.89 -32.46 -24.29
N PHE C 149 5.66 -33.56 -24.24
CA PHE C 149 7.08 -33.57 -23.91
C PHE C 149 7.34 -33.13 -22.48
N LYS C 150 6.31 -33.15 -21.62
CA LYS C 150 6.44 -32.82 -20.20
C LYS C 150 7.01 -31.42 -20.00
N VAL C 151 6.25 -30.42 -20.47
CA VAL C 151 6.63 -29.02 -20.36
C VAL C 151 5.64 -28.34 -19.42
N ASN C 152 6.17 -27.62 -18.44
CA ASN C 152 5.34 -26.91 -17.45
C ASN C 152 4.77 -25.66 -18.11
N VAL C 153 3.58 -25.81 -18.70
CA VAL C 153 2.96 -24.70 -19.40
C VAL C 153 2.48 -23.63 -18.44
N GLY C 154 2.09 -24.03 -17.22
CA GLY C 154 1.63 -23.05 -16.25
C GLY C 154 2.73 -22.10 -15.82
N MET C 155 3.93 -22.62 -15.61
CA MET C 155 5.06 -21.75 -15.26
C MET C 155 5.38 -20.77 -16.38
N ILE C 156 5.36 -21.26 -17.62
CA ILE C 156 5.63 -20.39 -18.77
C ILE C 156 4.56 -19.30 -18.88
N SER C 157 3.29 -19.68 -18.68
CA SER C 157 2.21 -18.70 -18.75
C SER C 157 2.33 -17.66 -17.65
N LEU C 158 2.68 -18.08 -16.43
CA LEU C 158 2.86 -17.12 -15.35
C LEU C 158 4.04 -16.20 -15.63
N VAL C 159 5.13 -16.73 -16.17
CA VAL C 159 6.27 -15.90 -16.53
C VAL C 159 5.89 -14.90 -17.61
N ILE C 160 5.07 -15.33 -18.57
CA ILE C 160 4.61 -14.44 -19.64
C ILE C 160 3.76 -13.31 -19.06
N SER C 161 2.86 -13.66 -18.12
CA SER C 161 2.05 -12.63 -17.48
C SER C 161 2.90 -11.65 -16.69
N ILE C 162 3.92 -12.16 -16.00
CA ILE C 162 4.82 -11.29 -15.25
C ILE C 162 5.57 -10.36 -16.19
N ALA C 163 6.04 -10.89 -17.32
CA ALA C 163 6.72 -10.05 -18.30
C ALA C 163 5.79 -8.99 -18.87
N LEU C 164 4.53 -9.34 -19.10
CA LEU C 164 3.56 -8.36 -19.58
C LEU C 164 3.31 -7.27 -18.54
N ARG C 165 3.23 -7.65 -17.27
CA ARG C 165 3.04 -6.68 -16.20
C ARG C 165 4.31 -5.90 -15.85
N PHE C 166 5.47 -6.32 -16.37
CA PHE C 166 6.72 -5.66 -16.06
C PHE C 166 6.70 -4.19 -16.50
N VAL C 167 6.20 -3.92 -17.71
CA VAL C 167 6.18 -2.55 -18.21
C VAL C 167 5.31 -1.63 -17.36
N PRO C 168 4.06 -1.98 -17.01
CA PRO C 168 3.30 -1.13 -16.09
C PRO C 168 3.99 -0.93 -14.76
N THR C 169 4.67 -1.96 -14.24
CA THR C 169 5.44 -1.78 -13.02
C THR C 169 6.60 -0.82 -13.24
N LEU C 170 7.23 -0.87 -14.42
CA LEU C 170 8.28 0.09 -14.74
C LEU C 170 7.77 1.52 -14.64
N PHE C 171 6.63 1.81 -15.27
CA PHE C 171 6.14 3.19 -15.23
C PHE C 171 5.59 3.56 -13.86
N ASP C 172 4.97 2.62 -13.15
CA ASP C 172 4.50 2.91 -11.79
C ASP C 172 5.67 3.22 -10.87
N GLN C 173 6.76 2.46 -10.96
CA GLN C 173 7.95 2.75 -10.17
C GLN C 173 8.58 4.07 -10.60
N THR C 174 8.58 4.36 -11.90
CA THR C 174 9.10 5.64 -12.35
C THR C 174 8.36 6.79 -11.68
N VAL C 175 7.02 6.72 -11.66
CA VAL C 175 6.23 7.74 -11.00
C VAL C 175 6.52 7.77 -9.50
N LYS C 176 6.65 6.59 -8.88
CA LYS C 176 6.83 6.52 -7.43
C LYS C 176 8.14 7.18 -7.01
N ILE C 177 9.25 6.78 -7.63
CA ILE C 177 10.53 7.40 -7.27
C ILE C 177 10.58 8.86 -7.71
N MET C 178 9.95 9.22 -8.83
CA MET C 178 9.93 10.63 -9.19
C MET C 178 9.23 11.48 -8.13
N ASN C 179 8.10 11.00 -7.62
CA ASN C 179 7.40 11.71 -6.55
C ASN C 179 8.23 11.74 -5.26
N ALA C 180 8.86 10.61 -4.92
CA ALA C 180 9.64 10.53 -3.70
C ALA C 180 10.84 11.49 -3.74
N GLN C 181 11.48 11.61 -4.91
CA GLN C 181 12.60 12.53 -5.06
C GLN C 181 12.14 13.98 -5.14
N ARG C 182 10.98 14.22 -5.78
CA ARG C 182 10.45 15.58 -5.82
C ARG C 182 10.13 16.09 -4.42
N SER C 183 9.52 15.24 -3.59
CA SER C 183 9.14 15.66 -2.24
C SER C 183 10.35 16.13 -1.44
N ARG C 184 11.52 15.55 -1.67
CA ARG C 184 12.71 15.87 -0.91
C ARG C 184 13.68 16.76 -1.68
N GLY C 185 13.24 17.37 -2.78
CA GLY C 185 13.97 18.46 -3.40
C GLY C 185 14.57 18.21 -4.77
N ALA C 186 14.34 17.04 -5.38
CA ALA C 186 14.86 16.82 -6.72
C ALA C 186 14.10 17.67 -7.72
N ASP C 187 14.83 18.15 -8.73
CA ASP C 187 14.25 18.98 -9.79
C ASP C 187 14.55 18.34 -11.14
N PHE C 188 13.59 17.60 -11.67
CA PHE C 188 13.70 17.02 -13.00
C PHE C 188 13.28 17.97 -14.11
N ASN C 189 12.84 19.17 -13.76
CA ASN C 189 12.38 20.17 -14.72
C ASN C 189 13.22 21.43 -14.64
N ASP C 190 14.54 21.28 -14.57
CA ASP C 190 15.46 22.40 -14.55
C ASP C 190 16.59 22.15 -15.54
N GLY C 191 17.08 23.23 -16.13
CA GLY C 191 18.18 23.14 -17.07
C GLY C 191 17.77 22.57 -18.42
N GLY C 192 18.78 22.33 -19.24
CA GLY C 192 18.58 21.77 -20.56
C GLY C 192 18.48 20.26 -20.53
N LEU C 193 18.56 19.67 -21.73
CA LEU C 193 18.47 18.22 -21.85
C LEU C 193 19.60 17.52 -21.12
N VAL C 194 20.81 18.11 -21.14
CA VAL C 194 21.94 17.50 -20.46
C VAL C 194 21.68 17.46 -18.95
N LYS C 195 21.19 18.56 -18.38
CA LYS C 195 20.95 18.61 -16.94
C LYS C 195 19.82 17.68 -16.54
N ARG C 196 18.75 17.62 -17.33
CA ARG C 196 17.65 16.71 -17.02
C ARG C 196 18.08 15.26 -17.12
N ALA C 197 18.88 14.92 -18.13
CA ALA C 197 19.42 13.57 -18.24
C ALA C 197 20.31 13.24 -17.05
N LYS C 198 21.12 14.21 -16.61
CA LYS C 198 21.95 14.00 -15.42
C LYS C 198 21.10 13.76 -14.18
N SER C 199 19.99 14.49 -14.07
CA SER C 199 19.10 14.32 -12.92
C SER C 199 18.39 12.98 -12.94
N VAL C 200 18.06 12.46 -14.13
CA VAL C 200 17.32 11.21 -14.22
C VAL C 200 18.20 9.97 -14.38
N VAL C 201 19.49 10.14 -14.59
CA VAL C 201 20.38 8.99 -14.78
C VAL C 201 20.63 8.20 -13.48
N PRO C 202 20.63 8.78 -12.28
CA PRO C 202 20.80 7.92 -11.09
C PRO C 202 19.58 7.08 -10.76
N MET C 203 18.48 7.24 -11.49
CA MET C 203 17.24 6.53 -11.22
C MET C 203 17.15 5.19 -11.93
N LEU C 204 18.00 4.93 -12.93
CA LEU C 204 17.78 3.79 -13.82
C LEU C 204 17.88 2.46 -13.06
N VAL C 205 18.97 2.25 -12.34
CA VAL C 205 19.12 1.00 -11.59
C VAL C 205 18.02 0.82 -10.54
N PRO C 206 17.68 1.82 -9.72
CA PRO C 206 16.54 1.63 -8.80
C PRO C 206 15.25 1.26 -9.51
N LEU C 207 14.97 1.83 -10.68
CA LEU C 207 13.72 1.54 -11.37
C LEU C 207 13.62 0.07 -11.76
N PHE C 208 14.65 -0.45 -12.44
CA PHE C 208 14.61 -1.84 -12.88
C PHE C 208 14.65 -2.80 -11.69
N ILE C 209 15.47 -2.51 -10.68
CA ILE C 209 15.54 -3.40 -9.53
C ILE C 209 14.21 -3.42 -8.78
N ASP C 210 13.59 -2.26 -8.59
CA ASP C 210 12.31 -2.20 -7.90
C ASP C 210 11.21 -2.90 -8.70
N SER C 211 11.24 -2.74 -10.03
CA SER C 211 10.24 -3.40 -10.86
C SER C 211 10.38 -4.91 -10.80
N LEU C 212 11.61 -5.43 -10.85
CA LEU C 212 11.82 -6.86 -10.69
C LEU C 212 11.39 -7.34 -9.32
N GLU C 213 11.68 -6.55 -8.28
CA GLU C 213 11.26 -6.93 -6.92
C GLU C 213 9.74 -6.99 -6.81
N VAL C 214 9.03 -6.03 -7.43
CA VAL C 214 7.57 -6.05 -7.41
C VAL C 214 7.04 -7.26 -8.18
N ALA C 215 7.66 -7.57 -9.33
CA ALA C 215 7.23 -8.72 -10.12
C ALA C 215 7.38 -10.01 -9.32
N LEU C 216 8.49 -10.16 -8.58
CA LEU C 216 8.67 -11.34 -7.75
C LEU C 216 7.75 -11.34 -6.54
N ASP C 217 7.47 -10.15 -5.99
CA ASP C 217 6.55 -10.05 -4.87
C ASP C 217 5.13 -10.47 -5.26
N LEU C 218 4.76 -10.25 -6.53
CA LEU C 218 3.46 -10.72 -7.00
C LEU C 218 3.37 -12.24 -6.90
N SER C 219 4.42 -12.94 -7.35
CA SER C 219 4.44 -14.39 -7.25
C SER C 219 4.48 -14.84 -5.79
N THR C 220 5.20 -14.10 -4.94
CA THR C 220 5.20 -14.41 -3.51
C THR C 220 3.80 -14.29 -2.93
N ALA C 221 3.05 -13.25 -3.31
CA ALA C 221 1.69 -13.09 -2.83
C ALA C 221 0.79 -14.20 -3.34
N MET C 222 0.98 -14.62 -4.59
CA MET C 222 0.20 -15.72 -5.12
C MET C 222 0.46 -17.01 -4.35
N GLU C 223 1.75 -17.32 -4.12
CA GLU C 223 2.10 -18.56 -3.43
C GLU C 223 1.62 -18.54 -1.99
N SER C 224 1.74 -17.40 -1.31
CA SER C 224 1.35 -17.32 0.10
C SER C 224 -0.13 -17.65 0.30
N ARG C 225 -0.97 -17.38 -0.70
CA ARG C 225 -2.40 -17.63 -0.60
C ARG C 225 -2.80 -18.96 -1.23
N GLY C 226 -1.85 -19.87 -1.42
CA GLY C 226 -2.17 -21.23 -1.81
C GLY C 226 -2.15 -21.54 -3.29
N TYR C 227 -1.52 -20.69 -4.11
CA TYR C 227 -1.49 -20.91 -5.56
C TYR C 227 -0.42 -21.92 -5.90
N LYS C 228 -0.78 -23.20 -5.81
CA LYS C 228 0.10 -24.26 -6.29
C LYS C 228 0.28 -24.19 -7.79
N GLY C 229 -0.80 -23.92 -8.51
CA GLY C 229 -0.75 -23.85 -9.96
C GLY C 229 -2.15 -23.63 -10.50
N SER C 230 -2.26 -23.67 -11.81
CA SER C 230 -3.55 -23.43 -12.46
C SER C 230 -4.41 -24.67 -12.58
N GLU C 231 -3.97 -25.81 -12.06
CA GLU C 231 -4.69 -27.07 -12.15
C GLU C 231 -5.47 -27.30 -10.87
N GLY C 232 -6.77 -27.57 -11.01
CA GLY C 232 -7.64 -27.86 -9.90
C GLY C 232 -8.35 -26.66 -9.29
N ARG C 233 -8.15 -25.47 -9.83
CA ARG C 233 -8.80 -24.27 -9.31
C ARG C 233 -10.18 -24.10 -9.93
N THR C 234 -10.99 -23.26 -9.29
CA THR C 234 -12.24 -22.80 -9.86
C THR C 234 -12.06 -21.36 -10.34
N ARG C 235 -13.13 -20.81 -10.93
CA ARG C 235 -13.06 -19.48 -11.53
C ARG C 235 -14.16 -18.60 -10.96
N TYR C 236 -13.76 -17.40 -10.53
CA TYR C 236 -14.75 -16.41 -10.12
C TYR C 236 -15.50 -15.86 -11.33
N ARG C 237 -14.81 -15.69 -12.45
CA ARG C 237 -15.40 -15.20 -13.69
C ARG C 237 -15.60 -16.36 -14.66
N ILE C 238 -16.76 -16.40 -15.30
CA ILE C 238 -17.09 -17.48 -16.21
C ILE C 238 -16.22 -17.38 -17.46
N LEU C 239 -15.63 -18.51 -17.85
CA LEU C 239 -14.80 -18.60 -19.04
C LEU C 239 -15.48 -19.55 -20.02
N GLU C 240 -16.37 -19.01 -20.85
CA GLU C 240 -17.10 -19.80 -21.82
C GLU C 240 -17.20 -19.03 -23.13
N TRP C 241 -17.28 -19.77 -24.24
CA TRP C 241 -17.54 -19.16 -25.52
C TRP C 241 -18.97 -18.62 -25.58
N SER C 242 -19.16 -17.56 -26.36
CA SER C 242 -20.45 -16.90 -26.46
C SER C 242 -20.66 -16.41 -27.89
N LYS C 243 -21.79 -15.75 -28.11
CA LYS C 243 -22.10 -15.21 -29.43
C LYS C 243 -21.14 -14.10 -29.82
N VAL C 244 -20.78 -13.24 -28.87
CA VAL C 244 -19.86 -12.14 -29.14
C VAL C 244 -18.51 -12.65 -29.62
N ASP C 245 -18.15 -13.89 -29.29
CA ASP C 245 -16.90 -14.48 -29.74
C ASP C 245 -16.87 -14.70 -31.25
N LEU C 246 -18.02 -14.62 -31.93
CA LEU C 246 -18.04 -14.65 -33.38
C LEU C 246 -17.59 -13.33 -33.99
N ILE C 247 -17.61 -12.24 -33.21
CA ILE C 247 -17.14 -10.95 -33.72
C ILE C 247 -15.66 -10.99 -34.08
N PRO C 248 -14.75 -11.47 -33.21
CA PRO C 248 -13.35 -11.57 -33.63
C PRO C 248 -13.14 -12.48 -34.83
N VAL C 249 -13.86 -13.60 -34.89
CA VAL C 249 -13.63 -14.59 -35.94
C VAL C 249 -13.85 -13.96 -37.32
N ALA C 250 -14.99 -13.30 -37.50
CA ALA C 250 -15.22 -12.56 -38.73
C ALA C 250 -14.16 -11.50 -38.93
N TYR C 251 -13.79 -10.80 -37.85
CA TYR C 251 -12.70 -9.82 -37.93
C TYR C 251 -11.42 -10.51 -38.36
N CYS C 252 -11.18 -11.73 -37.85
CA CYS C 252 -10.01 -12.48 -38.29
C CYS C 252 -10.20 -13.07 -39.68
N LEU C 253 -11.44 -13.27 -40.11
CA LEU C 253 -11.69 -13.84 -41.43
C LEU C 253 -11.60 -12.75 -42.51
N LEU C 254 -12.47 -11.74 -42.41
CA LEU C 254 -12.54 -10.70 -43.44
C LEU C 254 -11.17 -10.11 -43.72
N LEU C 255 -10.48 -9.67 -42.66
CA LEU C 255 -9.10 -9.18 -42.77
C LEU C 255 -8.28 -10.07 -43.69
N THR C 256 -8.20 -11.36 -43.34
CA THR C 256 -7.41 -12.30 -44.13
C THR C 256 -7.82 -12.22 -45.59
N ILE C 257 -9.13 -12.35 -45.86
CA ILE C 257 -9.62 -12.30 -47.23
C ILE C 257 -9.04 -11.08 -47.94
N LEU C 258 -9.19 -9.91 -47.32
CA LEU C 258 -8.72 -8.67 -47.94
C LEU C 258 -7.27 -8.81 -48.35
N MET C 259 -6.41 -9.20 -47.40
CA MET C 259 -4.99 -9.21 -47.71
C MET C 259 -4.64 -10.28 -48.73
N ILE C 260 -5.41 -11.38 -48.77
CA ILE C 260 -5.15 -12.38 -49.78
C ILE C 260 -5.40 -11.81 -51.17
N THR C 261 -6.38 -10.93 -51.29
CA THR C 261 -6.64 -10.22 -52.54
C THR C 261 -5.89 -8.89 -52.61
N THR C 262 -5.10 -8.55 -51.59
CA THR C 262 -4.44 -7.25 -51.53
C THR C 262 -2.93 -7.33 -51.49
N ARG C 263 -2.37 -8.48 -51.12
CA ARG C 263 -0.92 -8.64 -51.04
C ARG C 263 -0.27 -8.41 -52.41
N LYS C 264 1.05 -8.26 -52.40
CA LYS C 264 1.79 -8.06 -53.64
C LYS C 264 1.69 -9.28 -54.55
N HIS C 265 1.77 -10.48 -53.98
CA HIS C 265 1.65 -11.71 -54.75
C HIS C 265 0.23 -11.90 -55.26
PG ATP D . 8.07 -3.88 12.93
O1G ATP D . 7.05 -3.63 11.87
O2G ATP D . 9.17 -2.84 12.98
O3G ATP D . 7.46 -4.04 14.32
PB ATP D . 8.76 -6.77 13.10
O1B ATP D . 8.47 -6.87 14.55
O2B ATP D . 7.76 -7.46 12.18
O3B ATP D . 8.82 -5.25 12.67
PA ATP D . 10.92 -7.98 11.47
O1A ATP D . 10.49 -7.37 10.20
O2A ATP D . 10.70 -9.48 11.58
O3A ATP D . 10.21 -7.29 12.73
O5' ATP D . 12.45 -7.69 11.72
C5' ATP D . 13.33 -8.70 12.26
C4' ATP D . 14.77 -8.36 11.98
O4' ATP D . 15.11 -8.72 10.62
C3' ATP D . 15.14 -6.88 12.12
O3' ATP D . 16.46 -6.74 12.65
C2' ATP D . 15.06 -6.37 10.68
O2' ATP D . 15.93 -5.26 10.47
C1' ATP D . 15.51 -7.59 9.88
N9 ATP D . 14.93 -7.68 8.55
C8 ATP D . 13.61 -7.51 8.22
N7 ATP D . 13.35 -7.65 6.95
C5 ATP D . 14.60 -7.93 6.40
C6 ATP D . 15.03 -8.18 5.08
N6 ATP D . 14.20 -8.19 4.02
N1 ATP D . 16.34 -8.42 4.86
C2 ATP D . 17.16 -8.40 5.92
N3 ATP D . 16.89 -8.18 7.20
C4 ATP D . 15.58 -7.95 7.38
MG MG E . 6.92 -6.36 10.78
PG ATP F . -6.87 6.22 4.91
O1G ATP F . -7.40 4.86 4.62
O2G ATP F . -7.15 6.70 6.33
O3G ATP F . -5.38 6.36 4.62
PB ATP F . -7.31 8.77 3.41
O1B ATP F . -8.09 9.78 4.16
O2B ATP F . -5.80 8.98 3.39
O3B ATP F . -7.56 7.30 3.97
PA ATP F . -7.23 9.00 0.47
O1A ATP F . -5.98 8.27 0.16
O2A ATP F . -7.12 10.52 0.39
O3A ATP F . -7.79 8.63 1.91
O5' ATP F . -8.39 8.56 -0.50
C5' ATP F . -9.59 9.34 -0.65
C4' ATP F . -10.51 8.68 -1.65
O4' ATP F . -9.87 8.64 -2.95
C3' ATP F . -10.91 7.24 -1.33
O3' ATP F . -12.26 6.98 -1.71
C2' ATP F . -9.91 6.41 -2.14
O2' ATP F . -10.44 5.15 -2.51
C1' ATP F . -9.72 7.29 -3.38
N9 ATP F . -8.41 7.16 -4.00
C8 ATP F . -7.19 7.20 -3.38
N7 ATP F . -6.17 7.06 -4.18
C5 ATP F . -6.76 6.91 -5.43
C6 ATP F . -6.21 6.71 -6.71
N6 ATP F . -4.91 6.63 -6.96
N1 ATP F . -7.08 6.60 -7.75
C2 ATP F . -8.39 6.67 -7.50
N3 ATP F . -9.01 6.86 -6.33
C4 ATP F . -8.14 6.96 -5.34
MG MG G . -4.20 7.67 3.34
#